data_9ATM
#
_entry.id   9ATM
#
_cell.length_a   48.728
_cell.length_b   149.698
_cell.length_c   167.078
_cell.angle_alpha   90.000
_cell.angle_beta   90.000
_cell.angle_gamma   90.000
#
_symmetry.space_group_name_H-M   'P 21 21 21'
#
loop_
_entity.id
_entity.type
_entity.pdbx_description
1 polymer 'VIR-7229 Fab heavy chain'
2 polymer 'S2H97 Fab heavy chain'
3 polymer 'VIR-7229 Fab light chain'
4 polymer 'S2H97 Fab light chain'
5 polymer 'SARS-CoV-2 EG.5 RBD'
6 non-polymer 1,2-ETHANEDIOL
7 non-polymer 'NICKEL (II) ION'
8 non-polymer 'CHLORIDE ION'
9 non-polymer 2-AMINO-2-HYDROXYMETHYL-PROPANE-1,3-DIOL
10 non-polymer 2-acetamido-2-deoxy-beta-D-glucopyranose
11 water water
#
loop_
_entity_poly.entity_id
_entity_poly.type
_entity_poly.pdbx_seq_one_letter_code
_entity_poly.pdbx_strand_id
1 'polypeptide(L)'
;EVQLVESGGSVVQPGRALRLSCAASGITFSSFGMYWVRQAPGKGLEWLGYIAYDGSDTYYADSVKGRFTISRDNSKNTLY
LQMNSLRIEDTAVYYCAKDYYPLLSYYYGLDVWGQGTTVTVSSASTKGPSVFPLAPSSKSTSGGTAALGCLVKDYFPEPV
TVSWNSGALTSGVHTFPAVLQSSGLYSLSSVVTVPSSSLGTQTYICNVNHKPSNTKVDKKVEPKSC
;
H
2 'polypeptide(L)'
;(PCA)VRLVQSGAEVKKSGESLKISCKGSGYSFTSYWIGWVRQMPGKGLEWMGIIYPGDSDTRYSPSFQGQVTISADKSI
STVYLQWSSLKASDTAMYYCARQWSHYTYDYYYWGQGTLVTISSASTKGPSVFPLAPSSKSTSGGTAALGCLVKDYFPEP
VTVSWNSGALTSGVHTFPAVLQSSGLYSLSSVVTVPSSSLGTQTYICNVNHKPSNTKVDKKVEPKSC
;
I
3 'polypeptide(L)'
;(PCA)SVLTQPRSVSGSPGQSVTISCTGTSSDVGAYNYVSWYQQHPGKAPKFMIYDVDQRPSGVPDRFSGSKSGNTASLI
ISGLQAEDEADYYCSSYAGSYIWVFGGGTQLTVLGQPKAAPSVTLFPPSSEELQANKATLVCLISDFYPGAVTVAWKADS
SPVKAGVETTTPSKQSNNKYAASSYLSLTPEQWKSHRSYSCQVTHEGSTVEKTVAPTECS
;
L
4 'polypeptide(L)'
;QSVLTQPASVSGSPGQSITISCTGISSDVGGYNSVSWYQQHPGKAPKLMIYDVTNRPSGVSNRFSGSKSGNTASLTISGL
QAEDEADYYCSSYTSSSTPPYVFGTGTKVSVLGQPKAAPSVTLFPPSSEELQANKATLVCLISDFYPGAVTVAWKADSSP
VKAGVETTTPSKQSNNKYAASSYLSLTPEQWKSHRSYSCQVTHEGSTVEKTVAPTECS
;
M
5 'polypeptide(L)'
;MEWSWVFLFFLSVTTGVHSRFPNITNLCPFHEVFNATTFASVYAWNRKRISNCVADYSVIYNFAPFFAFKCYGVSPTKLN
DLCFTNVYADSFVIRGNEVSQIAPGQTGNIADYNYKLPDDFTGCVIAWNSNKLDSKPSGNYNYLYRLLRKSKLKPFERDI
STEIYQAGNKPCNGVAGPNCYSPLQSYGFRPTYGVGHQPYRVVVLSFELLHAPATVCGPKKSTGSLVPRGSHHHHHHHH
;
R
#
# COMPACT_ATOMS: atom_id res chain seq x y z
N GLU A 1 -16.07 10.60 18.68
CA GLU A 1 -16.37 11.36 17.48
C GLU A 1 -15.15 12.14 16.97
N VAL A 2 -14.50 11.64 15.94
CA VAL A 2 -13.40 12.40 15.35
C VAL A 2 -13.97 13.68 14.74
N GLN A 3 -13.28 14.79 14.96
CA GLN A 3 -13.62 16.06 14.34
C GLN A 3 -12.54 16.38 13.31
N LEU A 4 -12.97 16.88 12.15
CA LEU A 4 -12.08 17.28 11.08
C LEU A 4 -12.23 18.78 10.86
N VAL A 5 -11.11 19.50 10.78
CA VAL A 5 -11.15 20.96 10.61
C VAL A 5 -10.27 21.34 9.43
N GLU A 6 -10.87 21.81 8.34
CA GLU A 6 -10.10 22.31 7.22
C GLU A 6 -9.66 23.73 7.51
N SER A 7 -8.48 24.11 7.03
CA SER A 7 -8.06 25.50 7.14
C SER A 7 -7.26 25.86 5.90
N GLY A 8 -7.00 27.16 5.73
CA GLY A 8 -6.16 27.65 4.68
C GLY A 8 -6.90 28.31 3.53
N GLY A 9 -8.24 28.21 3.47
CA GLY A 9 -8.96 28.85 2.40
C GLY A 9 -8.74 30.35 2.40
N SER A 10 -8.62 30.93 1.21
CA SER A 10 -8.47 32.37 1.09
C SER A 10 -8.77 32.79 -0.35
N VAL A 11 -8.66 34.09 -0.59
CA VAL A 11 -8.74 34.66 -1.94
C VAL A 11 -7.36 34.54 -2.58
N VAL A 12 -7.29 33.98 -3.79
CA VAL A 12 -6.02 33.82 -4.49
C VAL A 12 -6.20 34.14 -5.97
N GLN A 13 -5.18 34.74 -6.58
CA GLN A 13 -5.21 35.05 -8.00
C GLN A 13 -5.01 33.80 -8.86
N PRO A 14 -5.64 33.75 -10.03
CA PRO A 14 -5.36 32.66 -10.99
C PRO A 14 -3.87 32.55 -11.26
N GLY A 15 -3.40 31.32 -11.41
CA GLY A 15 -2.00 31.07 -11.68
C GLY A 15 -1.17 30.79 -10.44
N ARG A 16 -1.65 31.19 -9.26
CA ARG A 16 -0.88 31.02 -8.05
C ARG A 16 -1.28 29.72 -7.36
N ALA A 17 -0.67 29.46 -6.21
CA ALA A 17 -0.82 28.20 -5.50
C ALA A 17 -1.37 28.45 -4.10
N LEU A 18 -1.96 27.42 -3.52
CA LEU A 18 -2.50 27.53 -2.17
C LEU A 18 -2.47 26.15 -1.52
N ARG A 19 -2.15 26.10 -0.24
CA ARG A 19 -2.11 24.84 0.51
C ARG A 19 -3.22 24.80 1.54
N LEU A 20 -4.06 23.77 1.49
CA LEU A 20 -5.09 23.56 2.49
C LEU A 20 -4.65 22.47 3.45
N SER A 21 -5.14 22.54 4.68
CA SER A 21 -4.86 21.55 5.71
CA SER A 21 -4.86 21.54 5.70
C SER A 21 -6.17 21.02 6.25
N CYS A 22 -6.11 19.85 6.84
CA CYS A 22 -7.29 19.23 7.44
C CYS A 22 -6.79 18.51 8.69
N ALA A 23 -7.11 19.05 9.86
CA ALA A 23 -6.59 18.51 11.12
C ALA A 23 -7.66 17.62 11.74
N ALA A 24 -7.26 16.43 12.17
CA ALA A 24 -8.17 15.48 12.80
C ALA A 24 -7.91 15.44 14.30
N SER A 25 -8.97 15.44 15.08
CA SER A 25 -8.85 15.28 16.53
C SER A 25 -8.58 13.80 16.88
N GLY A 26 -8.20 13.58 18.13
CA GLY A 26 -7.97 12.21 18.61
C GLY A 26 -6.77 11.55 17.95
N ILE A 27 -6.77 10.22 17.94
CA ILE A 27 -5.66 9.44 17.40
C ILE A 27 -6.04 8.57 16.21
N THR A 28 -7.31 8.60 15.75
CA THR A 28 -7.71 7.60 14.75
C THR A 28 -7.20 7.90 13.33
N PHE A 29 -6.72 9.12 13.07
CA PHE A 29 -6.36 9.56 11.72
C PHE A 29 -5.51 8.52 10.99
N SER A 30 -4.48 7.99 11.66
CA SER A 30 -3.53 7.09 11.02
C SER A 30 -4.17 5.78 10.52
N SER A 31 -5.35 5.42 11.02
CA SER A 31 -6.02 4.20 10.57
C SER A 31 -6.88 4.39 9.32
N PHE A 32 -7.16 5.63 8.88
CA PHE A 32 -8.19 5.86 7.87
C PHE A 32 -7.64 6.48 6.59
N GLY A 33 -8.10 5.96 5.45
CA GLY A 33 -7.97 6.70 4.21
C GLY A 33 -8.74 8.01 4.30
N MET A 34 -8.19 9.05 3.65
CA MET A 34 -8.75 10.39 3.72
C MET A 34 -9.00 10.91 2.31
N TYR A 35 -9.97 11.81 2.19
CA TYR A 35 -10.43 12.30 0.89
C TYR A 35 -10.57 13.82 0.93
N TRP A 36 -10.48 14.40 -0.26
CA TRP A 36 -10.86 15.79 -0.50
C TRP A 36 -12.02 15.84 -1.49
N VAL A 37 -13.00 16.70 -1.20
CA VAL A 37 -14.20 16.90 -2.01
C VAL A 37 -14.48 18.41 -2.00
N ARG A 38 -14.90 18.96 -3.14
CA ARG A 38 -15.17 20.40 -3.16
C ARG A 38 -16.57 20.67 -3.69
N GLN A 39 -17.01 21.91 -3.51
CA GLN A 39 -18.36 22.29 -3.92
C GLN A 39 -18.35 23.77 -4.26
N ALA A 40 -18.48 24.08 -5.55
CA ALA A 40 -18.58 25.47 -5.98
C ALA A 40 -19.90 26.07 -5.52
N PRO A 41 -19.96 27.39 -5.31
CA PRO A 41 -21.19 28.02 -4.78
C PRO A 41 -22.42 27.68 -5.61
N GLY A 42 -23.43 27.11 -4.96
CA GLY A 42 -24.66 26.76 -5.66
C GLY A 42 -24.57 25.54 -6.53
N LYS A 43 -23.45 24.82 -6.50
CA LYS A 43 -23.19 23.71 -7.42
C LYS A 43 -23.11 22.39 -6.65
N GLY A 44 -22.74 21.31 -7.36
CA GLY A 44 -22.69 20.00 -6.74
C GLY A 44 -21.34 19.63 -6.14
N LEU A 45 -21.35 18.53 -5.39
CA LEU A 45 -20.11 17.96 -4.87
C LEU A 45 -19.23 17.45 -6.00
N GLU A 46 -17.92 17.63 -5.86
CA GLU A 46 -16.96 17.09 -6.80
C GLU A 46 -15.89 16.34 -6.02
N TRP A 47 -15.78 15.05 -6.27
CA TRP A 47 -14.72 14.24 -5.66
C TRP A 47 -13.37 14.64 -6.24
N LEU A 48 -12.41 14.97 -5.37
CA LEU A 48 -11.10 15.41 -5.83
C LEU A 48 -10.02 14.35 -5.73
N GLY A 49 -10.01 13.55 -4.66
CA GLY A 49 -9.03 12.49 -4.56
C GLY A 49 -8.94 11.91 -3.16
N TYR A 50 -7.91 11.09 -2.98
CA TYR A 50 -7.79 10.20 -1.83
C TYR A 50 -6.31 9.94 -1.58
N ILE A 51 -5.96 9.75 -0.30
CA ILE A 51 -4.68 9.15 0.08
C ILE A 51 -4.92 8.06 1.12
N ALA A 52 -4.26 6.92 0.96
CA ALA A 52 -4.47 5.77 1.84
C ALA A 52 -4.01 6.08 3.26
N TYR A 53 -4.54 5.31 4.23
CA TYR A 53 -4.17 5.49 5.64
C TYR A 53 -2.66 5.49 5.83
N ASP A 54 -1.96 4.62 5.11
CA ASP A 54 -0.52 4.51 5.23
C ASP A 54 0.23 5.23 4.13
N GLY A 55 -0.45 6.10 3.37
CA GLY A 55 0.24 6.71 2.24
C GLY A 55 0.58 5.76 1.10
N SER A 56 0.09 4.52 1.12
CA SER A 56 0.54 3.56 0.10
C SER A 56 0.10 3.96 -1.31
N ASP A 57 -1.05 4.63 -1.45
CA ASP A 57 -1.54 5.06 -2.75
C ASP A 57 -2.24 6.40 -2.64
N THR A 58 -2.21 7.13 -3.75
CA THR A 58 -2.92 8.39 -3.88
C THR A 58 -3.64 8.38 -5.23
N TYR A 59 -4.89 8.85 -5.25
CA TYR A 59 -5.69 8.87 -6.47
C TYR A 59 -6.33 10.25 -6.61
N TYR A 60 -6.56 10.65 -7.86
CA TYR A 60 -6.95 12.00 -8.23
C TYR A 60 -8.03 11.96 -9.30
N ALA A 61 -9.04 12.81 -9.14
CA ALA A 61 -9.95 13.12 -10.24
C ALA A 61 -9.18 13.74 -11.40
N ASP A 62 -9.57 13.39 -12.63
CA ASP A 62 -8.97 14.00 -13.82
C ASP A 62 -8.98 15.52 -13.79
N SER A 63 -9.99 16.13 -13.15
CA SER A 63 -10.11 17.59 -13.16
C SER A 63 -8.97 18.29 -12.42
N VAL A 64 -8.24 17.60 -11.53
CA VAL A 64 -7.19 18.23 -10.75
C VAL A 64 -5.85 17.50 -10.87
N LYS A 65 -5.85 16.36 -11.57
CA LYS A 65 -4.64 15.56 -11.69
C LYS A 65 -3.54 16.36 -12.36
N GLY A 66 -2.34 16.33 -11.79
CA GLY A 66 -1.22 17.12 -12.32
C GLY A 66 -1.22 18.58 -11.89
N ARG A 67 -2.28 19.05 -11.24
CA ARG A 67 -2.30 20.39 -10.65
C ARG A 67 -2.32 20.36 -9.13
N PHE A 68 -3.08 19.44 -8.53
CA PHE A 68 -3.22 19.33 -7.10
C PHE A 68 -2.44 18.10 -6.62
N THR A 69 -1.87 18.22 -5.42
CA THR A 69 -1.15 17.12 -4.80
C THR A 69 -1.72 16.89 -3.41
N ILE A 70 -2.04 15.65 -3.12
CA ILE A 70 -2.59 15.28 -1.82
C ILE A 70 -1.49 14.60 -1.03
N SER A 71 -1.34 14.95 0.25
CA SER A 71 -0.38 14.28 1.11
C SER A 71 -0.90 14.25 2.54
N ARG A 72 -0.22 13.50 3.41
CA ARG A 72 -0.65 13.45 4.80
C ARG A 72 0.57 13.30 5.70
N ASP A 73 0.42 13.79 6.92
CA ASP A 73 1.46 13.66 7.95
C ASP A 73 0.77 13.02 9.14
N ASN A 74 0.88 11.69 9.25
CA ASN A 74 0.27 10.96 10.35
C ASN A 74 0.84 11.36 11.71
N SER A 75 2.10 11.82 11.76
CA SER A 75 2.64 12.31 13.03
C SER A 75 1.96 13.60 13.49
N LYS A 76 1.23 14.28 12.61
CA LYS A 76 0.52 15.53 12.93
C LYS A 76 -0.99 15.40 12.82
N ASN A 77 -1.50 14.20 12.56
CA ASN A 77 -2.93 13.96 12.32
C ASN A 77 -3.50 14.99 11.34
N THR A 78 -2.79 15.17 10.22
CA THR A 78 -3.12 16.26 9.32
C THR A 78 -3.01 15.81 7.87
N LEU A 79 -4.03 16.14 7.10
CA LEU A 79 -4.13 15.91 5.66
C LEU A 79 -3.93 17.23 4.94
N TYR A 80 -3.27 17.20 3.77
CA TYR A 80 -2.99 18.41 3.00
C TYR A 80 -3.53 18.31 1.59
N LEU A 81 -3.84 19.47 1.01
CA LEU A 81 -4.09 19.61 -0.41
C LEU A 81 -3.24 20.77 -0.91
N GLN A 82 -2.27 20.47 -1.76
CA GLN A 82 -1.45 21.48 -2.40
C GLN A 82 -2.09 21.77 -3.75
N MET A 83 -2.56 22.99 -3.96
CA MET A 83 -3.24 23.38 -5.18
C MET A 83 -2.36 24.35 -5.95
N ASN A 84 -1.91 23.94 -7.13
CA ASN A 84 -1.12 24.78 -8.01
C ASN A 84 -1.94 25.16 -9.24
N SER A 85 -1.45 26.16 -9.97
CA SER A 85 -2.04 26.58 -11.24
C SER A 85 -3.55 26.82 -11.10
N LEU A 86 -3.91 27.64 -10.12
CA LEU A 86 -5.32 27.79 -9.77
C LEU A 86 -6.07 28.53 -10.88
N ARG A 87 -7.32 28.13 -11.10
CA ARG A 87 -8.21 28.71 -12.10
C ARG A 87 -9.48 29.21 -11.42
N ILE A 88 -10.18 30.14 -12.09
CA ILE A 88 -11.45 30.65 -11.56
C ILE A 88 -12.33 29.50 -11.09
N GLU A 89 -12.42 28.45 -11.90
CA GLU A 89 -13.32 27.34 -11.63
C GLU A 89 -12.88 26.50 -10.45
N ASP A 90 -11.71 26.74 -9.88
CA ASP A 90 -11.39 26.07 -8.61
C ASP A 90 -12.06 26.73 -7.42
N THR A 91 -12.72 27.88 -7.61
CA THR A 91 -13.47 28.56 -6.53
C THR A 91 -14.51 27.60 -5.95
N ALA A 92 -14.42 27.33 -4.64
CA ALA A 92 -15.28 26.32 -4.01
C ALA A 92 -15.05 26.31 -2.51
N VAL A 93 -15.99 25.68 -1.81
CA VAL A 93 -15.75 25.16 -0.46
C VAL A 93 -15.01 23.83 -0.58
N TYR A 94 -13.93 23.65 0.16
CA TYR A 94 -13.14 22.42 0.11
C TYR A 94 -13.35 21.64 1.40
N TYR A 95 -13.77 20.39 1.27
CA TYR A 95 -14.00 19.51 2.42
C TYR A 95 -12.95 18.41 2.48
N CYS A 96 -12.53 18.04 3.69
CA CYS A 96 -11.89 16.74 3.85
C CYS A 96 -12.85 15.79 4.54
N ALA A 97 -12.68 14.50 4.29
CA ALA A 97 -13.60 13.49 4.78
C ALA A 97 -12.83 12.19 4.98
N LYS A 98 -13.25 11.41 5.96
CA LYS A 98 -12.60 10.15 6.23
C LYS A 98 -13.49 9.01 5.76
N ASP A 99 -12.83 7.90 5.39
CA ASP A 99 -13.51 6.68 5.01
C ASP A 99 -14.34 6.14 6.16
N TYR A 100 -15.49 5.57 5.81
CA TYR A 100 -16.35 4.86 6.77
C TYR A 100 -15.62 3.72 7.50
N TYR A 101 -14.72 3.00 6.81
CA TYR A 101 -13.98 1.87 7.40
C TYR A 101 -12.47 2.17 7.43
N PRO A 102 -11.73 1.65 8.41
CA PRO A 102 -10.27 1.85 8.45
C PRO A 102 -9.54 0.97 7.44
N LEU A 103 -8.22 1.19 7.35
CA LEU A 103 -7.30 0.42 6.52
C LEU A 103 -7.63 0.61 5.03
N LEU A 104 -7.48 -0.41 4.20
CA LEU A 104 -7.93 -0.31 2.82
C LEU A 104 -9.41 -0.71 2.80
N SER A 105 -10.24 0.22 2.36
CA SER A 105 -11.69 0.08 2.43
C SER A 105 -12.27 0.46 1.08
N TYR A 106 -12.54 1.75 0.89
CA TYR A 106 -12.69 2.40 -0.41
C TYR A 106 -14.04 2.23 -1.12
N TYR A 107 -14.73 1.11 -0.91
CA TYR A 107 -15.89 0.76 -1.71
C TYR A 107 -17.22 1.17 -1.08
N TYR A 108 -17.18 1.92 0.02
CA TYR A 108 -18.37 2.20 0.83
C TYR A 108 -18.69 3.68 0.82
N GLY A 109 -17.94 4.52 1.51
CA GLY A 109 -18.18 5.94 1.42
C GLY A 109 -17.44 6.71 2.50
N LEU A 110 -17.84 7.97 2.61
CA LEU A 110 -17.19 9.00 3.42
C LEU A 110 -18.16 9.38 4.55
N ASP A 111 -17.86 9.00 5.80
CA ASP A 111 -18.85 9.19 6.86
C ASP A 111 -18.63 10.39 7.77
N VAL A 112 -17.40 10.90 7.90
CA VAL A 112 -17.16 12.10 8.71
C VAL A 112 -16.53 13.14 7.80
N TRP A 113 -17.08 14.36 7.85
CA TRP A 113 -16.67 15.48 7.00
C TRP A 113 -16.31 16.65 7.90
N GLY A 114 -15.40 17.50 7.44
CA GLY A 114 -15.20 18.79 8.08
C GLY A 114 -16.29 19.77 7.69
N GLN A 115 -16.22 20.97 8.28
CA GLN A 115 -17.16 22.04 7.93
C GLN A 115 -16.76 22.75 6.65
N GLY A 116 -15.53 22.56 6.18
CA GLY A 116 -15.07 23.07 4.91
C GLY A 116 -14.32 24.37 5.06
N THR A 117 -13.49 24.69 4.07
CA THR A 117 -12.79 25.95 4.04
C THR A 117 -12.99 26.53 2.65
N THR A 118 -13.14 27.85 2.57
CA THR A 118 -13.57 28.50 1.34
C THR A 118 -12.38 29.07 0.56
N VAL A 119 -12.28 28.69 -0.70
CA VAL A 119 -11.26 29.20 -1.61
C VAL A 119 -11.96 29.98 -2.70
N THR A 120 -11.45 31.19 -2.98
CA THR A 120 -11.97 32.05 -4.04
C THR A 120 -10.82 32.40 -4.97
N VAL A 121 -10.89 31.91 -6.19
CA VAL A 121 -9.88 32.20 -7.20
C VAL A 121 -10.45 33.28 -8.08
N SER A 122 -9.78 34.43 -8.14
CA SER A 122 -10.31 35.56 -8.87
C SER A 122 -9.19 36.55 -9.13
N SER A 123 -9.27 37.22 -10.27
CA SER A 123 -8.37 38.33 -10.54
C SER A 123 -8.93 39.67 -10.06
N ALA A 124 -10.12 39.68 -9.45
CA ALA A 124 -10.70 40.94 -9.00
C ALA A 124 -9.88 41.54 -7.88
N SER A 125 -9.87 42.86 -7.80
CA SER A 125 -9.21 43.59 -6.73
C SER A 125 -10.20 43.88 -5.59
N THR A 126 -9.69 43.88 -4.37
CA THR A 126 -10.51 44.24 -3.22
C THR A 126 -11.19 45.58 -3.47
N LYS A 127 -12.49 45.64 -3.24
CA LYS A 127 -13.27 46.84 -3.60
C LYS A 127 -14.50 46.94 -2.74
N GLY A 128 -14.69 48.10 -2.10
CA GLY A 128 -15.89 48.35 -1.33
C GLY A 128 -17.08 48.65 -2.24
N PRO A 129 -18.28 48.38 -1.74
CA PRO A 129 -19.49 48.54 -2.56
C PRO A 129 -19.89 49.99 -2.74
N SER A 130 -20.62 50.24 -3.83
CA SER A 130 -21.41 51.46 -3.95
C SER A 130 -22.81 51.16 -3.46
N VAL A 131 -23.33 52.00 -2.55
CA VAL A 131 -24.61 51.76 -1.89
C VAL A 131 -25.62 52.80 -2.38
N PHE A 132 -26.74 52.32 -2.91
CA PHE A 132 -27.76 53.20 -3.44
C PHE A 132 -29.09 52.95 -2.75
N PRO A 133 -29.87 53.99 -2.49
CA PRO A 133 -31.16 53.79 -1.83
C PRO A 133 -32.21 53.26 -2.81
N LEU A 134 -33.09 52.41 -2.29
CA LEU A 134 -34.28 51.93 -2.99
C LEU A 134 -35.47 52.59 -2.32
N ALA A 135 -35.92 53.73 -2.87
CA ALA A 135 -36.85 54.59 -2.16
C ALA A 135 -38.25 53.96 -2.14
N PRO A 136 -39.00 54.12 -1.06
CA PRO A 136 -40.32 53.49 -0.99
C PRO A 136 -41.29 54.12 -1.97
N SER A 137 -42.22 53.30 -2.46
CA SER A 137 -43.21 53.77 -3.42
C SER A 137 -43.99 54.94 -2.87
N SER A 138 -44.25 55.92 -3.74
CA SER A 138 -45.09 57.05 -3.37
C SER A 138 -46.55 56.61 -3.22
N LYS A 139 -46.98 55.61 -3.99
CA LYS A 139 -48.33 55.08 -3.81
C LYS A 139 -48.48 54.37 -2.47
N SER A 140 -47.42 53.69 -2.03
CA SER A 140 -47.43 53.01 -0.73
C SER A 140 -47.14 53.98 0.40
N SER A 142 -52.01 54.23 -0.13
CA SER A 142 -51.17 53.42 0.74
C SER A 142 -51.73 52.01 0.88
N GLY A 143 -50.86 51.01 0.71
CA GLY A 143 -51.25 49.63 0.92
C GLY A 143 -50.78 49.11 2.26
N GLY A 144 -51.22 49.77 3.35
CA GLY A 144 -50.82 49.38 4.69
C GLY A 144 -49.35 49.53 4.97
N THR A 145 -48.51 48.84 4.20
CA THR A 145 -47.07 48.81 4.43
C THR A 145 -46.32 49.15 3.15
N ALA A 146 -45.08 49.58 3.32
CA ALA A 146 -44.22 49.97 2.21
C ALA A 146 -42.89 49.23 2.31
N ALA A 147 -42.36 48.84 1.16
CA ALA A 147 -41.04 48.25 1.06
C ALA A 147 -40.03 49.32 0.68
N LEU A 148 -38.86 49.26 1.31
CA LEU A 148 -37.73 50.13 0.95
C LEU A 148 -36.45 49.36 1.25
N GLY A 149 -35.36 49.78 0.61
CA GLY A 149 -34.15 49.04 0.84
C GLY A 149 -32.90 49.77 0.39
N CYS A 150 -31.82 48.99 0.30
CA CYS A 150 -30.55 49.47 -0.19
C CYS A 150 -30.01 48.46 -1.18
N LEU A 151 -29.47 48.99 -2.27
CA LEU A 151 -28.76 48.23 -3.27
C LEU A 151 -27.28 48.33 -2.96
N VAL A 152 -26.60 47.19 -2.83
CA VAL A 152 -25.21 47.11 -2.40
C VAL A 152 -24.42 46.58 -3.59
N LYS A 153 -23.79 47.48 -4.34
CA LYS A 153 -23.35 47.17 -5.70
C LYS A 153 -21.83 47.01 -5.76
N ASP A 154 -21.38 45.98 -6.48
CA ASP A 154 -20.01 45.92 -7.03
C ASP A 154 -18.92 45.90 -5.96
N TYR A 155 -18.94 44.90 -5.09
CA TYR A 155 -17.87 44.75 -4.12
C TYR A 155 -17.13 43.43 -4.34
N PHE A 156 -15.93 43.34 -3.74
CA PHE A 156 -15.13 42.11 -3.75
C PHE A 156 -14.11 42.17 -2.63
N PRO A 157 -13.87 41.07 -1.90
CA PRO A 157 -14.60 39.81 -2.00
C PRO A 157 -15.83 39.80 -1.07
N GLU A 158 -16.53 38.66 -1.01
CA GLU A 158 -17.47 38.45 0.08
C GLU A 158 -16.72 38.45 1.42
N PRO A 159 -17.43 38.74 2.53
CA PRO A 159 -18.85 39.10 2.63
C PRO A 159 -19.11 40.59 2.92
N VAL A 160 -20.36 41.03 2.77
CA VAL A 160 -20.85 42.28 3.33
C VAL A 160 -21.91 41.93 4.36
N THR A 161 -22.03 42.76 5.40
CA THR A 161 -23.13 42.70 6.33
C THR A 161 -23.99 43.95 6.21
N VAL A 162 -25.28 43.81 6.48
CA VAL A 162 -26.20 44.94 6.39
C VAL A 162 -27.04 44.96 7.65
N SER A 163 -27.08 46.10 8.32
CA SER A 163 -28.07 46.33 9.36
C SER A 163 -28.93 47.52 8.95
N TRP A 164 -30.01 47.74 9.70
CA TRP A 164 -30.89 48.87 9.49
C TRP A 164 -31.01 49.66 10.79
N ASN A 165 -30.83 50.98 10.69
CA ASN A 165 -30.85 51.88 11.84
C ASN A 165 -29.97 51.35 12.97
N SER A 166 -28.74 50.97 12.61
CA SER A 166 -27.71 50.58 13.56
C SER A 166 -28.09 49.32 14.34
N GLY A 167 -28.96 48.49 13.78
CA GLY A 167 -29.44 47.32 14.49
C GLY A 167 -30.74 47.51 15.23
N ALA A 168 -31.27 48.74 15.30
CA ALA A 168 -32.53 48.98 16.00
C ALA A 168 -33.73 48.45 15.23
N LEU A 169 -33.61 48.29 13.92
CA LEU A 169 -34.71 47.85 13.07
C LEU A 169 -34.39 46.45 12.57
N THR A 170 -35.16 45.46 13.02
CA THR A 170 -34.96 44.09 12.59
C THR A 170 -36.21 43.44 12.01
N SER A 171 -37.39 43.76 12.55
CA SER A 171 -38.63 43.21 11.99
C SER A 171 -38.79 43.63 10.54
N GLY A 172 -39.16 42.68 9.70
CA GLY A 172 -39.43 42.94 8.29
C GLY A 172 -38.22 42.96 7.39
N VAL A 173 -37.01 42.75 7.92
CA VAL A 173 -35.79 42.86 7.13
C VAL A 173 -35.46 41.53 6.48
N HIS A 174 -35.17 41.55 5.18
CA HIS A 174 -34.52 40.43 4.52
C HIS A 174 -33.35 40.96 3.71
N THR A 175 -32.17 40.44 4.02
CA THR A 175 -30.96 40.74 3.27
C THR A 175 -30.67 39.54 2.36
N PHE A 176 -30.51 39.80 1.09
CA PHE A 176 -30.45 38.76 0.08
C PHE A 176 -29.04 38.22 -0.10
N PRO A 177 -28.90 37.01 -0.63
CA PRO A 177 -27.57 36.52 -0.99
C PRO A 177 -27.03 37.31 -2.17
N ALA A 178 -25.71 37.23 -2.33
CA ALA A 178 -25.05 38.00 -3.37
C ALA A 178 -25.21 37.33 -4.74
N VAL A 179 -25.11 38.15 -5.78
CA VAL A 179 -24.88 37.65 -7.12
C VAL A 179 -23.43 37.94 -7.46
N LEU A 180 -22.81 37.03 -8.19
CA LEU A 180 -21.49 37.27 -8.78
C LEU A 180 -21.72 37.67 -10.23
N GLN A 181 -21.35 38.89 -10.58
CA GLN A 181 -21.55 39.41 -11.92
C GLN A 181 -20.34 39.12 -12.80
N SER A 182 -20.53 39.26 -14.11
CA SER A 182 -19.48 38.99 -15.09
C SER A 182 -18.28 39.90 -14.90
N SER A 183 -18.44 41.00 -14.18
CA SER A 183 -17.31 41.83 -13.79
C SER A 183 -16.37 41.15 -12.81
N GLY A 184 -16.78 40.04 -12.18
CA GLY A 184 -16.08 39.51 -11.03
C GLY A 184 -16.42 40.16 -9.70
N LEU A 185 -17.36 41.10 -9.70
CA LEU A 185 -17.78 41.82 -8.49
C LEU A 185 -19.15 41.32 -8.03
N TYR A 186 -19.33 41.30 -6.71
CA TYR A 186 -20.59 40.86 -6.11
C TYR A 186 -21.52 42.06 -5.92
N SER A 187 -22.84 41.77 -5.90
CA SER A 187 -23.86 42.75 -5.49
C SER A 187 -24.96 42.03 -4.70
N LEU A 188 -25.56 42.75 -3.76
CA LEU A 188 -26.76 42.21 -3.11
C LEU A 188 -27.68 43.38 -2.73
N SER A 189 -28.84 43.02 -2.19
CA SER A 189 -29.79 44.02 -1.71
C SER A 189 -30.28 43.64 -0.32
N SER A 190 -30.70 44.65 0.43
CA SER A 190 -31.47 44.45 1.65
C SER A 190 -32.74 45.29 1.55
N VAL A 191 -33.86 44.72 1.98
CA VAL A 191 -35.17 45.35 1.94
C VAL A 191 -35.80 45.20 3.32
N VAL A 192 -36.63 46.18 3.69
CA VAL A 192 -37.42 46.13 4.92
C VAL A 192 -38.83 46.65 4.61
N THR A 193 -39.83 46.01 5.22
CA THR A 193 -41.23 46.41 5.12
C THR A 193 -41.62 47.22 6.35
N VAL A 194 -42.15 48.42 6.13
CA VAL A 194 -42.46 49.34 7.23
C VAL A 194 -43.88 49.87 7.03
N PRO A 195 -44.53 50.33 8.11
CA PRO A 195 -45.82 50.99 7.96
C PRO A 195 -45.70 52.20 7.05
N SER A 196 -46.64 52.34 6.12
CA SER A 196 -46.63 53.49 5.23
C SER A 196 -46.77 54.79 5.99
N SER A 197 -47.48 54.77 7.13
CA SER A 197 -47.62 55.98 7.93
C SER A 197 -46.31 56.39 8.60
N SER A 198 -45.33 55.49 8.68
CA SER A 198 -44.04 55.85 9.26
C SER A 198 -43.16 56.64 8.30
N LEU A 199 -43.49 56.65 7.01
CA LEU A 199 -42.64 57.29 6.02
C LEU A 199 -42.62 58.80 6.22
N GLY A 200 -41.42 59.39 6.14
CA GLY A 200 -41.28 60.82 6.32
C GLY A 200 -41.29 61.30 7.76
N THR A 201 -41.61 60.43 8.73
CA THR A 201 -41.37 60.74 10.13
C THR A 201 -40.28 59.87 10.75
N GLN A 202 -40.14 58.62 10.33
CA GLN A 202 -39.10 57.74 10.82
C GLN A 202 -37.97 57.66 9.79
N THR A 203 -36.75 57.89 10.24
CA THR A 203 -35.58 57.80 9.37
C THR A 203 -35.18 56.34 9.15
N TYR A 204 -34.74 56.02 7.93
CA TYR A 204 -34.34 54.66 7.58
C TYR A 204 -32.97 54.71 6.92
N ILE A 205 -31.97 54.14 7.58
CA ILE A 205 -30.60 54.14 7.12
C ILE A 205 -30.11 52.69 7.13
N CYS A 206 -29.57 52.23 6.01
CA CYS A 206 -28.93 50.93 5.97
C CYS A 206 -27.44 51.10 6.27
N ASN A 207 -26.91 50.25 7.14
CA ASN A 207 -25.50 50.29 7.51
C ASN A 207 -24.83 49.11 6.84
N VAL A 208 -23.95 49.40 5.88
CA VAL A 208 -23.31 48.38 5.04
C VAL A 208 -21.84 48.31 5.43
N ASN A 209 -21.41 47.16 5.93
CA ASN A 209 -20.04 46.97 6.39
C ASN A 209 -19.36 45.97 5.46
N HIS A 210 -18.24 46.36 4.86
CA HIS A 210 -17.45 45.46 4.01
C HIS A 210 -16.04 45.45 4.59
N LYS A 211 -15.80 44.51 5.51
CA LYS A 211 -14.52 44.48 6.19
C LYS A 211 -13.33 44.27 5.26
N PRO A 212 -13.38 43.41 4.24
CA PRO A 212 -12.18 43.23 3.39
C PRO A 212 -11.62 44.54 2.83
N SER A 213 -12.49 45.47 2.43
CA SER A 213 -12.03 46.76 1.91
C SER A 213 -11.96 47.84 2.97
N ASN A 214 -12.22 47.50 4.24
CA ASN A 214 -12.22 48.47 5.33
C ASN A 214 -13.19 49.62 5.03
N THR A 215 -14.37 49.31 4.53
CA THR A 215 -15.33 50.35 4.21
C THR A 215 -16.65 50.09 4.93
N LYS A 216 -17.23 51.18 5.44
CA LYS A 216 -18.59 51.22 5.94
C LYS A 216 -19.33 52.33 5.20
N VAL A 217 -20.56 52.05 4.80
CA VAL A 217 -21.41 53.05 4.17
C VAL A 217 -22.74 53.03 4.90
N ASP A 218 -23.22 54.21 5.30
CA ASP A 218 -24.52 54.39 5.91
C ASP A 218 -25.36 55.24 4.96
N LYS A 219 -26.34 54.62 4.31
CA LYS A 219 -27.15 55.29 3.30
C LYS A 219 -28.56 55.54 3.81
N LYS A 220 -28.93 56.82 3.92
CA LYS A 220 -30.30 57.18 4.30
C LYS A 220 -31.23 56.96 3.11
N VAL A 221 -32.35 56.28 3.33
CA VAL A 221 -33.33 56.00 2.29
C VAL A 221 -34.53 56.92 2.50
N GLU A 222 -34.69 57.93 1.60
CA GLU A 222 -35.75 58.91 1.77
C GLU A 222 -36.94 58.61 0.86
N PRO A 223 -38.15 58.92 1.30
CA PRO A 223 -39.31 58.78 0.40
C PRO A 223 -39.15 59.66 -0.84
N LYS A 224 -39.67 59.18 -1.96
CA LYS A 224 -39.67 59.93 -3.20
C LYS A 224 -40.94 60.79 -3.28
N SER A 225 -40.78 62.01 -3.79
CA SER A 225 -41.95 62.87 -3.99
C SER A 225 -42.84 62.36 -5.11
N CYS A 226 -42.24 61.80 -6.16
CA CYS A 226 -42.99 61.20 -7.26
C CYS A 226 -43.37 59.77 -6.90
N VAL B 2 11.42 -17.52 -17.46
CA VAL B 2 11.58 -16.69 -16.27
C VAL B 2 13.09 -16.46 -16.05
N ARG B 3 13.51 -15.19 -16.06
CA ARG B 3 14.90 -14.86 -15.80
C ARG B 3 15.00 -13.76 -14.75
N LEU B 4 15.99 -13.88 -13.87
CA LEU B 4 16.34 -12.87 -12.88
C LEU B 4 17.80 -12.49 -13.12
N VAL B 5 18.03 -11.23 -13.52
CA VAL B 5 19.37 -10.75 -13.84
C VAL B 5 19.75 -9.71 -12.79
N GLN B 6 20.86 -9.94 -12.10
CA GLN B 6 21.32 -9.06 -11.05
C GLN B 6 22.44 -8.16 -11.55
N SER B 7 22.67 -7.07 -10.82
CA SER B 7 23.70 -6.12 -11.16
C SER B 7 25.07 -6.69 -10.82
N GLY B 8 26.11 -6.03 -11.32
CA GLY B 8 27.45 -6.56 -11.25
C GLY B 8 28.08 -6.45 -9.87
N ALA B 9 29.28 -7.02 -9.78
CA ALA B 9 30.02 -7.04 -8.52
C ALA B 9 30.30 -5.63 -8.01
N GLU B 10 30.30 -5.49 -6.69
CA GLU B 10 30.51 -4.21 -6.03
C GLU B 10 31.70 -4.32 -5.09
N VAL B 11 32.60 -3.35 -5.18
CA VAL B 11 33.70 -3.21 -4.24
C VAL B 11 33.48 -1.87 -3.55
N LYS B 12 33.23 -1.91 -2.24
CA LYS B 12 32.86 -0.73 -1.48
C LYS B 12 33.74 -0.57 -0.26
N LYS B 13 33.84 0.67 0.21
CA LYS B 13 34.50 0.99 1.45
C LYS B 13 33.50 0.96 2.60
N SER B 14 33.99 0.65 3.79
CA SER B 14 33.14 0.62 4.97
C SER B 14 32.56 2.01 5.23
N GLY B 15 31.25 2.06 5.48
CA GLY B 15 30.56 3.33 5.70
C GLY B 15 29.89 3.90 4.47
N GLU B 16 30.16 3.37 3.29
CA GLU B 16 29.49 3.82 2.08
C GLU B 16 28.12 3.18 1.96
N SER B 17 27.26 3.79 1.15
CA SER B 17 25.95 3.24 0.84
C SER B 17 26.02 2.42 -0.44
N LEU B 18 25.02 1.56 -0.62
CA LEU B 18 24.99 0.70 -1.79
C LEU B 18 23.56 0.33 -2.12
N LYS B 19 23.27 0.24 -3.42
CA LYS B 19 22.01 -0.24 -3.93
C LYS B 19 22.31 -1.21 -5.05
N ILE B 20 21.88 -2.46 -4.90
CA ILE B 20 22.05 -3.48 -5.92
C ILE B 20 20.67 -3.88 -6.42
N SER B 21 20.61 -4.47 -7.61
CA SER B 21 19.32 -4.66 -8.26
C SER B 21 19.19 -6.07 -8.83
N CYS B 22 17.95 -6.37 -9.21
CA CYS B 22 17.55 -7.68 -9.70
C CYS B 22 16.35 -7.47 -10.61
N LYS B 23 16.55 -7.63 -11.91
CA LYS B 23 15.55 -7.32 -12.92
C LYS B 23 14.88 -8.61 -13.39
N GLY B 24 13.56 -8.64 -13.36
CA GLY B 24 12.80 -9.79 -13.81
C GLY B 24 12.35 -9.63 -15.25
N SER B 25 12.25 -10.76 -15.96
CA SER B 25 11.78 -10.76 -17.33
C SER B 25 11.16 -12.12 -17.65
N GLY B 26 10.34 -12.13 -18.70
CA GLY B 26 9.72 -13.35 -19.17
C GLY B 26 8.50 -13.80 -18.40
N TYR B 27 7.92 -12.95 -17.56
CA TYR B 27 6.72 -13.30 -16.79
C TYR B 27 6.10 -12.02 -16.22
N SER B 28 4.94 -12.18 -15.60
CA SER B 28 4.18 -11.07 -15.03
C SER B 28 4.88 -10.60 -13.75
N PHE B 29 5.69 -9.54 -13.85
CA PHE B 29 6.57 -9.19 -12.74
C PHE B 29 5.82 -8.77 -11.49
N THR B 30 4.63 -8.18 -11.64
CA THR B 30 3.87 -7.70 -10.49
C THR B 30 2.97 -8.77 -9.87
N SER B 31 3.07 -10.02 -10.31
CA SER B 31 2.21 -11.07 -9.76
C SER B 31 2.92 -12.02 -8.80
N TYR B 32 4.21 -11.80 -8.50
CA TYR B 32 5.00 -12.74 -7.74
C TYR B 32 5.91 -12.04 -6.73
N TRP B 33 5.98 -12.58 -5.52
CA TRP B 33 7.03 -12.22 -4.56
C TRP B 33 8.41 -12.49 -5.16
N ILE B 34 9.37 -11.63 -4.80
CA ILE B 34 10.79 -11.85 -5.04
C ILE B 34 11.49 -11.89 -3.71
N GLY B 35 12.38 -12.86 -3.52
CA GLY B 35 13.14 -12.95 -2.28
C GLY B 35 14.59 -12.58 -2.45
N TRP B 36 15.23 -12.17 -1.36
CA TRP B 36 16.66 -11.91 -1.32
C TRP B 36 17.31 -12.84 -0.31
N VAL B 37 18.48 -13.38 -0.68
CA VAL B 37 19.23 -14.34 0.11
C VAL B 37 20.68 -13.88 0.19
N ARG B 38 21.24 -13.87 1.41
CA ARG B 38 22.64 -13.57 1.66
C ARG B 38 23.45 -14.85 1.88
N GLN B 39 24.70 -14.83 1.41
CA GLN B 39 25.64 -15.93 1.69
C GLN B 39 27.01 -15.31 1.91
N MET B 40 27.44 -15.26 3.16
CA MET B 40 28.76 -14.77 3.48
C MET B 40 29.82 -15.78 3.03
N PRO B 41 31.05 -15.33 2.79
CA PRO B 41 32.05 -16.24 2.20
C PRO B 41 32.27 -17.46 3.06
N GLY B 42 32.03 -18.63 2.46
CA GLY B 42 32.19 -19.88 3.18
C GLY B 42 31.09 -20.24 4.14
N LYS B 43 29.98 -19.48 4.17
CA LYS B 43 28.87 -19.71 5.07
C LYS B 43 27.63 -20.16 4.30
N GLY B 44 26.52 -20.36 5.02
CA GLY B 44 25.30 -20.89 4.44
C GLY B 44 24.37 -19.82 3.88
N LEU B 45 23.26 -20.28 3.29
CA LEU B 45 22.24 -19.37 2.76
C LEU B 45 21.43 -18.78 3.91
N GLU B 46 21.18 -17.46 3.83
CA GLU B 46 20.33 -16.79 4.80
C GLU B 46 19.24 -16.03 4.06
N TRP B 47 17.99 -16.36 4.36
CA TRP B 47 16.84 -15.66 3.76
C TRP B 47 16.72 -14.29 4.42
N MET B 48 16.76 -13.24 3.61
CA MET B 48 16.72 -11.87 4.12
C MET B 48 15.32 -11.28 4.15
N GLY B 49 14.52 -11.56 3.13
CA GLY B 49 13.18 -11.01 3.06
C GLY B 49 12.63 -11.12 1.64
N ILE B 50 11.36 -10.74 1.49
CA ILE B 50 10.65 -10.76 0.22
C ILE B 50 9.91 -9.43 0.01
N ILE B 51 9.64 -9.12 -1.26
CA ILE B 51 8.84 -7.96 -1.63
C ILE B 51 7.91 -8.36 -2.77
N TYR B 52 6.68 -7.87 -2.70
CA TYR B 52 5.71 -8.09 -3.77
C TYR B 52 5.73 -6.85 -4.66
N PRO B 53 6.30 -6.91 -5.86
CA PRO B 53 6.48 -5.68 -6.66
C PRO B 53 5.19 -4.97 -7.01
N GLY B 54 4.06 -5.69 -7.05
CA GLY B 54 2.81 -5.03 -7.38
C GLY B 54 2.47 -3.88 -6.45
N ASP B 55 2.65 -4.07 -5.13
CA ASP B 55 2.31 -3.03 -4.16
C ASP B 55 3.43 -2.76 -3.16
N SER B 56 4.63 -3.27 -3.40
CA SER B 56 5.79 -3.08 -2.53
C SER B 56 5.56 -3.57 -1.09
N ASP B 57 4.59 -4.46 -0.87
CA ASP B 57 4.49 -5.14 0.42
C ASP B 57 5.79 -5.88 0.68
N THR B 58 6.34 -5.72 1.89
CA THR B 58 7.64 -6.29 2.22
CA THR B 58 7.65 -6.29 2.23
C THR B 58 7.55 -7.09 3.51
N ARG B 59 8.28 -8.21 3.55
N ARG B 59 8.24 -8.23 3.52
CA ARG B 59 8.39 -9.04 4.74
CA ARG B 59 8.41 -9.06 4.71
C ARG B 59 9.88 -9.29 4.96
C ARG B 59 9.90 -9.24 4.92
N TYR B 60 10.43 -8.75 6.04
CA TYR B 60 11.83 -8.93 6.36
C TYR B 60 11.97 -10.09 7.33
N SER B 61 13.01 -10.90 7.12
CA SER B 61 13.44 -11.83 8.15
C SER B 61 13.65 -11.07 9.46
N PRO B 62 13.32 -11.67 10.62
CA PRO B 62 13.64 -11.02 11.90
C PRO B 62 15.10 -10.60 12.02
N SER B 63 16.04 -11.33 11.40
CA SER B 63 17.46 -11.02 11.53
C SER B 63 17.90 -9.87 10.64
N PHE B 64 17.10 -9.49 9.64
CA PHE B 64 17.45 -8.40 8.73
C PHE B 64 16.50 -7.21 8.87
N GLN B 65 15.49 -7.30 9.72
CA GLN B 65 14.53 -6.21 9.93
C GLN B 65 15.25 -4.96 10.41
N GLY B 66 15.18 -3.88 9.62
CA GLY B 66 15.89 -2.66 9.93
C GLY B 66 17.36 -2.64 9.57
N GLN B 67 17.89 -3.72 9.02
CA GLN B 67 19.30 -3.79 8.69
C GLN B 67 19.57 -3.58 7.20
N VAL B 68 18.53 -3.55 6.38
CA VAL B 68 18.64 -3.42 4.94
C VAL B 68 17.27 -2.99 4.43
N THR B 69 17.25 -2.29 3.30
CA THR B 69 15.97 -1.89 2.70
C THR B 69 15.76 -2.63 1.40
N ILE B 70 14.64 -3.36 1.30
CA ILE B 70 14.21 -3.99 0.05
C ILE B 70 13.17 -3.08 -0.58
N SER B 71 13.35 -2.72 -1.87
CA SER B 71 12.37 -1.89 -2.57
C SER B 71 12.13 -2.44 -3.96
N ALA B 72 11.17 -1.83 -4.65
CA ALA B 72 10.76 -2.28 -5.97
C ALA B 72 10.43 -1.08 -6.84
N ASP B 73 10.76 -1.18 -8.12
CA ASP B 73 10.32 -0.22 -9.15
C ASP B 73 9.66 -1.07 -10.22
N LYS B 74 8.35 -1.27 -10.10
CA LYS B 74 7.67 -2.17 -11.02
C LYS B 74 7.66 -1.64 -12.45
N SER B 75 7.81 -0.34 -12.66
CA SER B 75 7.77 0.20 -14.01
C SER B 75 8.96 -0.26 -14.86
N ILE B 76 10.03 -0.76 -14.24
CA ILE B 76 11.14 -1.35 -15.00
C ILE B 76 11.44 -2.75 -14.48
N SER B 77 10.45 -3.36 -13.83
CA SER B 77 10.52 -4.78 -13.47
C SER B 77 11.75 -5.10 -12.63
N THR B 78 12.05 -4.26 -11.64
CA THR B 78 13.29 -4.39 -10.87
C THR B 78 13.01 -4.30 -9.37
N VAL B 79 13.70 -5.11 -8.59
CA VAL B 79 13.70 -4.98 -7.15
C VAL B 79 15.14 -4.70 -6.71
N TYR B 80 15.27 -4.16 -5.50
CA TYR B 80 16.56 -3.67 -5.04
C TYR B 80 16.80 -4.06 -3.60
N LEU B 81 18.09 -4.06 -3.26
CA LEU B 81 18.57 -4.22 -1.89
C LEU B 81 19.48 -3.03 -1.64
N GLN B 82 19.28 -2.33 -0.53
CA GLN B 82 19.99 -1.08 -0.29
C GLN B 82 20.47 -0.98 1.15
N TRP B 83 21.69 -0.49 1.33
CA TRP B 83 22.26 -0.23 2.65
C TRP B 83 22.60 1.24 2.75
N SER B 84 22.35 1.83 3.92
CA SER B 84 22.74 3.21 4.12
C SER B 84 24.22 3.33 4.50
N SER B 85 24.75 2.35 5.23
CA SER B 85 26.11 2.44 5.75
C SER B 85 26.69 1.03 5.88
N LEU B 86 27.44 0.61 4.87
CA LEU B 86 27.97 -0.74 4.82
C LEU B 86 28.97 -0.99 5.94
N LYS B 87 28.91 -2.19 6.51
CA LYS B 87 29.88 -2.71 7.47
C LYS B 87 30.60 -3.90 6.83
N ALA B 88 31.77 -4.23 7.38
CA ALA B 88 32.56 -5.32 6.81
C ALA B 88 31.79 -6.62 6.79
N SER B 89 30.95 -6.85 7.79
CA SER B 89 30.13 -8.06 7.85
C SER B 89 29.10 -8.14 6.72
N ASP B 90 28.88 -7.06 5.96
CA ASP B 90 28.00 -7.14 4.80
C ASP B 90 28.67 -7.79 3.58
N THR B 91 29.96 -8.10 3.65
CA THR B 91 30.61 -8.82 2.55
C THR B 91 29.92 -10.17 2.37
N ALA B 92 29.39 -10.39 1.17
CA ALA B 92 28.62 -11.61 0.88
C ALA B 92 28.30 -11.67 -0.60
N MET B 93 27.88 -12.86 -1.03
CA MET B 93 27.09 -13.01 -2.24
C MET B 93 25.62 -12.77 -1.91
N TYR B 94 24.95 -12.00 -2.76
CA TYR B 94 23.52 -11.73 -2.61
C TYR B 94 22.77 -12.25 -3.82
N TYR B 95 21.74 -13.06 -3.57
CA TYR B 95 20.89 -13.63 -4.62
C TYR B 95 19.48 -13.09 -4.48
N CYS B 96 18.85 -12.84 -5.61
CA CYS B 96 17.40 -12.79 -5.65
C CYS B 96 16.87 -14.10 -6.21
N ALA B 97 15.65 -14.45 -5.80
CA ALA B 97 15.07 -15.72 -6.16
C ALA B 97 13.56 -15.55 -6.19
N ARG B 98 12.89 -16.43 -6.96
CA ARG B 98 11.44 -16.43 -7.09
C ARG B 98 10.92 -17.85 -6.96
N GLN B 99 9.75 -17.99 -6.35
CA GLN B 99 9.10 -19.29 -6.25
C GLN B 99 8.74 -19.81 -7.63
N TRP B 100 8.55 -21.13 -7.71
CA TRP B 100 8.37 -21.78 -9.01
C TRP B 100 7.07 -21.34 -9.68
N SER B 101 5.97 -21.31 -8.92
CA SER B 101 4.66 -20.92 -9.45
C SER B 101 3.80 -20.37 -8.32
N HIS B 102 2.56 -19.99 -8.66
CA HIS B 102 1.62 -19.54 -7.63
C HIS B 102 1.31 -20.64 -6.64
N TYR B 103 1.53 -21.90 -7.01
CA TYR B 103 1.16 -23.04 -6.18
C TYR B 103 2.35 -23.81 -5.62
N THR B 104 3.56 -23.54 -6.11
CA THR B 104 4.77 -24.25 -5.70
C THR B 104 5.72 -23.22 -5.12
N TYR B 105 5.87 -23.25 -3.80
CA TYR B 105 6.48 -22.15 -3.06
C TYR B 105 7.99 -22.23 -3.01
N ASP B 106 8.57 -23.37 -3.41
CA ASP B 106 10.01 -23.55 -3.35
C ASP B 106 10.72 -22.64 -4.35
N TYR B 107 11.95 -22.25 -4.03
CA TYR B 107 12.69 -21.32 -4.90
C TYR B 107 13.34 -22.08 -6.06
N TYR B 108 12.61 -22.15 -7.18
CA TYR B 108 13.13 -22.77 -8.40
C TYR B 108 13.99 -21.82 -9.23
N TYR B 109 13.66 -20.51 -9.25
CA TYR B 109 14.36 -19.54 -10.09
C TYR B 109 15.31 -18.70 -9.25
N TRP B 110 16.56 -18.60 -9.71
CA TRP B 110 17.60 -17.83 -9.01
C TRP B 110 18.29 -16.88 -9.96
N GLY B 111 18.55 -15.67 -9.48
CA GLY B 111 19.45 -14.77 -10.17
C GLY B 111 20.88 -15.30 -10.09
N GLN B 112 21.77 -14.69 -10.87
CA GLN B 112 23.15 -15.20 -10.91
C GLN B 112 23.99 -14.72 -9.73
N GLY B 113 23.43 -13.91 -8.83
CA GLY B 113 24.15 -13.42 -7.66
C GLY B 113 24.94 -12.14 -7.93
N THR B 114 25.01 -11.30 -6.92
CA THR B 114 25.88 -10.12 -6.92
C THR B 114 26.88 -10.24 -5.78
N LEU B 115 28.17 -10.15 -6.11
CA LEU B 115 29.21 -10.18 -5.09
C LEU B 115 29.42 -8.78 -4.54
N VAL B 116 29.32 -8.64 -3.22
CA VAL B 116 29.57 -7.38 -2.54
C VAL B 116 30.75 -7.56 -1.61
N THR B 117 31.80 -6.78 -1.84
CA THR B 117 33.05 -6.87 -1.10
C THR B 117 33.28 -5.55 -0.37
N ILE B 118 33.30 -5.60 0.95
CA ILE B 118 33.53 -4.42 1.78
C ILE B 118 34.95 -4.49 2.31
N SER B 119 35.79 -3.52 1.94
CA SER B 119 37.20 -3.62 2.29
C SER B 119 37.78 -2.27 2.66
N SER B 120 38.68 -2.30 3.65
CA SER B 120 39.61 -1.21 3.93
C SER B 120 40.87 -1.32 3.08
N ALA B 121 40.71 -1.66 1.80
CA ALA B 121 41.82 -2.01 0.92
C ALA B 121 42.83 -0.89 0.78
N SER B 122 44.00 -1.07 1.37
CA SER B 122 45.14 -0.19 1.19
C SER B 122 46.38 -1.05 1.23
N THR B 123 47.34 -0.75 0.36
CA THR B 123 48.59 -1.52 0.36
C THR B 123 49.26 -1.41 1.71
N LYS B 124 49.67 -2.54 2.27
CA LYS B 124 50.24 -2.59 3.61
C LYS B 124 51.16 -3.79 3.73
N GLY B 125 52.32 -3.57 4.33
CA GLY B 125 53.30 -4.63 4.53
C GLY B 125 53.00 -5.46 5.75
N PRO B 126 53.46 -6.72 5.74
CA PRO B 126 53.12 -7.64 6.81
C PRO B 126 54.07 -7.55 8.02
N SER B 127 53.50 -7.87 9.18
CA SER B 127 54.27 -8.04 10.40
C SER B 127 54.59 -9.52 10.58
N VAL B 128 55.86 -9.82 10.88
CA VAL B 128 56.36 -11.19 10.95
C VAL B 128 56.73 -11.50 12.39
N PHE B 129 56.29 -12.67 12.88
CA PHE B 129 56.58 -13.11 14.22
C PHE B 129 57.02 -14.57 14.22
N PRO B 130 57.96 -14.96 15.08
CA PRO B 130 58.43 -16.34 15.12
C PRO B 130 57.59 -17.24 16.03
N LEU B 131 57.55 -18.51 15.67
CA LEU B 131 56.80 -19.53 16.40
C LEU B 131 57.80 -20.60 16.83
N ALA B 132 58.20 -20.55 18.10
CA ALA B 132 59.30 -21.36 18.63
C ALA B 132 58.87 -22.80 18.87
N PRO B 133 59.80 -23.75 18.73
CA PRO B 133 59.48 -25.16 18.99
C PRO B 133 59.23 -25.40 20.47
N SER B 134 58.56 -26.52 20.74
CA SER B 134 58.21 -26.92 22.10
C SER B 134 59.45 -27.10 22.97
N GLY B 141 61.45 -36.90 18.71
CA GLY B 141 62.28 -37.21 17.56
C GLY B 141 62.12 -36.23 16.41
N THR B 142 61.10 -35.38 16.52
CA THR B 142 60.80 -34.38 15.50
C THR B 142 60.29 -33.12 16.18
N ALA B 143 60.54 -31.98 15.54
CA ALA B 143 60.20 -30.67 16.09
C ALA B 143 59.49 -29.84 15.03
N ALA B 144 58.75 -28.82 15.49
CA ALA B 144 57.94 -27.99 14.63
C ALA B 144 58.10 -26.53 15.02
N LEU B 145 58.49 -25.69 14.06
CA LEU B 145 58.63 -24.25 14.25
C LEU B 145 58.19 -23.55 12.96
N GLY B 146 58.00 -22.23 13.05
CA GLY B 146 57.59 -21.49 11.87
C GLY B 146 57.49 -20.00 12.11
N CYS B 147 56.82 -19.33 11.18
CA CYS B 147 56.66 -17.88 11.17
C CYS B 147 55.20 -17.51 10.94
N LEU B 148 54.82 -16.34 11.44
CA LEU B 148 53.46 -15.81 11.30
C LEU B 148 53.53 -14.51 10.53
N VAL B 149 52.79 -14.43 9.43
CA VAL B 149 52.77 -13.26 8.56
C VAL B 149 51.41 -12.59 8.74
N LYS B 150 51.42 -11.35 9.26
CA LYS B 150 50.19 -10.70 9.71
C LYS B 150 49.88 -9.44 8.91
N ASP B 151 48.60 -9.27 8.58
CA ASP B 151 48.01 -7.99 8.17
C ASP B 151 48.76 -7.36 6.99
N TYR B 152 48.61 -7.98 5.82
CA TYR B 152 49.21 -7.48 4.60
C TYR B 152 48.18 -7.49 3.48
N PHE B 153 48.38 -6.62 2.50
CA PHE B 153 47.50 -6.54 1.34
C PHE B 153 48.23 -5.94 0.15
N PRO B 154 48.10 -6.53 -1.05
CA PRO B 154 47.35 -7.77 -1.27
C PRO B 154 48.25 -8.99 -1.22
N GLU B 155 47.68 -10.16 -1.51
CA GLU B 155 48.52 -11.33 -1.72
C GLU B 155 49.31 -11.14 -3.01
N PRO B 156 50.47 -11.82 -3.14
CA PRO B 156 51.02 -12.82 -2.23
C PRO B 156 52.14 -12.33 -1.33
N VAL B 157 52.53 -13.19 -0.39
CA VAL B 157 53.80 -13.07 0.33
C VAL B 157 54.55 -14.37 0.10
N THR B 158 55.78 -14.25 -0.41
CA THR B 158 56.62 -15.41 -0.64
C THR B 158 57.50 -15.64 0.58
N VAL B 159 57.49 -16.86 1.10
CA VAL B 159 58.22 -17.22 2.31
C VAL B 159 59.32 -18.21 1.93
N SER B 160 60.55 -17.90 2.32
CA SER B 160 61.69 -18.80 2.18
C SER B 160 62.18 -19.20 3.57
N TRP B 161 63.18 -20.08 3.59
CA TRP B 161 63.78 -20.53 4.84
C TRP B 161 65.26 -20.72 4.63
N ASN B 162 66.06 -20.01 5.42
CA ASN B 162 67.51 -19.99 5.29
C ASN B 162 67.92 -19.68 3.86
N SER B 163 67.28 -18.64 3.30
CA SER B 163 67.50 -18.19 1.92
C SER B 163 67.22 -19.30 0.91
N GLY B 164 66.20 -20.10 1.19
CA GLY B 164 65.80 -21.15 0.27
C GLY B 164 66.65 -22.40 0.27
N ALA B 165 67.49 -22.59 1.30
CA ALA B 165 68.29 -23.80 1.42
C ALA B 165 67.62 -24.89 2.24
N LEU B 166 66.50 -24.58 2.89
CA LEU B 166 65.72 -25.55 3.65
C LEU B 166 64.31 -25.59 3.04
N THR B 167 64.09 -26.54 2.14
CA THR B 167 62.81 -26.71 1.47
C THR B 167 62.12 -28.02 1.81
N SER B 168 62.87 -29.04 2.19
CA SER B 168 62.26 -30.30 2.61
C SER B 168 61.69 -30.13 4.01
N GLY B 169 60.37 -30.26 4.13
CA GLY B 169 59.70 -30.16 5.41
C GLY B 169 58.93 -28.88 5.64
N VAL B 170 58.91 -27.96 4.68
CA VAL B 170 58.21 -26.69 4.87
C VAL B 170 56.78 -26.82 4.35
N HIS B 171 55.86 -26.17 5.06
CA HIS B 171 54.47 -26.07 4.61
C HIS B 171 54.02 -24.63 4.85
N THR B 172 53.94 -23.86 3.77
CA THR B 172 53.41 -22.50 3.83
C THR B 172 51.92 -22.56 3.52
N PHE B 173 51.10 -22.23 4.51
CA PHE B 173 49.65 -22.33 4.39
C PHE B 173 49.10 -21.20 3.53
N PRO B 174 48.01 -21.46 2.80
CA PRO B 174 47.30 -20.36 2.15
C PRO B 174 46.82 -19.36 3.19
N ALA B 175 46.86 -18.09 2.82
CA ALA B 175 46.48 -17.04 3.76
C ALA B 175 44.98 -17.05 4.03
N VAL B 176 44.61 -16.51 5.19
CA VAL B 176 43.21 -16.26 5.52
C VAL B 176 42.87 -14.83 5.15
N LEU B 177 41.69 -14.64 4.54
CA LEU B 177 41.18 -13.32 4.24
C LEU B 177 40.35 -12.84 5.43
N GLN B 178 40.90 -11.92 6.21
CA GLN B 178 40.24 -11.43 7.40
C GLN B 178 39.06 -10.54 7.03
N SER B 179 38.23 -10.24 8.03
CA SER B 179 37.10 -9.34 7.81
C SER B 179 37.54 -7.91 7.53
N SER B 180 38.75 -7.53 7.95
CA SER B 180 39.30 -6.22 7.63
C SER B 180 39.65 -6.05 6.17
N GLY B 181 39.72 -7.15 5.41
CA GLY B 181 40.26 -7.14 4.07
C GLY B 181 41.72 -7.51 3.98
N LEU B 182 42.45 -7.41 5.09
CA LEU B 182 43.87 -7.77 5.11
C LEU B 182 44.02 -9.29 5.04
N TYR B 183 45.25 -9.72 4.77
CA TYR B 183 45.61 -11.12 4.71
C TYR B 183 46.58 -11.46 5.84
N SER B 184 46.60 -12.73 6.21
CA SER B 184 47.53 -13.23 7.22
C SER B 184 47.73 -14.72 6.98
N LEU B 185 48.99 -15.16 6.97
CA LEU B 185 49.30 -16.57 6.77
C LEU B 185 50.43 -16.99 7.70
N SER B 186 50.65 -18.30 7.76
CA SER B 186 51.71 -18.89 8.55
C SER B 186 52.46 -19.92 7.71
N SER B 187 53.75 -20.06 7.99
CA SER B 187 54.59 -21.05 7.35
C SER B 187 55.33 -21.80 8.44
N VAL B 188 55.38 -23.13 8.33
CA VAL B 188 56.05 -23.96 9.32
C VAL B 188 56.96 -24.95 8.63
N VAL B 189 57.97 -25.40 9.37
CA VAL B 189 58.95 -26.36 8.91
C VAL B 189 59.13 -27.41 10.01
N THR B 190 59.27 -28.66 9.60
CA THR B 190 59.46 -29.79 10.52
C THR B 190 60.91 -30.22 10.43
N VAL B 191 61.60 -30.18 11.57
CA VAL B 191 63.06 -30.39 11.60
C VAL B 191 63.36 -31.48 12.62
N PRO B 192 64.51 -32.16 12.47
CA PRO B 192 64.90 -33.16 13.47
C PRO B 192 65.21 -32.50 14.81
N SER B 193 64.77 -33.15 15.89
CA SER B 193 64.92 -32.59 17.23
C SER B 193 66.38 -32.54 17.68
N SER B 194 67.28 -33.27 17.00
CA SER B 194 68.68 -33.27 17.40
C SER B 194 69.38 -31.98 17.03
N SER B 195 68.99 -31.35 15.91
CA SER B 195 69.60 -30.10 15.46
C SER B 195 68.84 -28.88 15.94
N LEU B 196 68.10 -28.99 17.05
CA LEU B 196 67.30 -27.87 17.54
C LEU B 196 68.19 -26.70 17.95
N GLY B 197 69.13 -26.94 18.87
CA GLY B 197 70.08 -25.92 19.27
C GLY B 197 71.31 -25.82 18.41
N THR B 198 71.54 -26.79 17.52
CA THR B 198 72.72 -26.80 16.66
C THR B 198 72.53 -26.03 15.36
N GLN B 199 71.29 -25.90 14.89
CA GLN B 199 71.01 -25.27 13.62
C GLN B 199 70.11 -24.05 13.82
N THR B 200 70.47 -22.94 13.16
CA THR B 200 69.68 -21.71 13.22
C THR B 200 68.69 -21.67 12.06
N TYR B 201 67.46 -21.23 12.35
CA TYR B 201 66.37 -21.22 11.37
C TYR B 201 65.77 -19.82 11.29
N ILE B 202 65.77 -19.25 10.08
CA ILE B 202 65.25 -17.91 9.83
C ILE B 202 64.37 -17.95 8.59
N CYS B 203 63.16 -17.44 8.70
CA CYS B 203 62.25 -17.36 7.57
C CYS B 203 62.43 -16.04 6.82
N ASN B 204 62.25 -16.08 5.50
CA ASN B 204 62.48 -14.95 4.62
C ASN B 204 61.17 -14.60 3.95
N VAL B 205 60.49 -13.58 4.46
CA VAL B 205 59.17 -13.17 4.02
C VAL B 205 59.33 -11.98 3.07
N ASN B 206 58.81 -12.14 1.85
CA ASN B 206 58.88 -11.09 0.83
C ASN B 206 57.47 -10.76 0.36
N HIS B 207 57.18 -9.47 0.23
CA HIS B 207 55.86 -8.97 -0.18
C HIS B 207 56.09 -7.84 -1.19
N LYS B 208 56.06 -8.18 -2.47
CA LYS B 208 56.49 -7.25 -3.52
C LYS B 208 55.70 -5.94 -3.55
N PRO B 209 54.36 -5.93 -3.49
CA PRO B 209 53.65 -4.65 -3.67
C PRO B 209 54.00 -3.59 -2.64
N SER B 210 54.19 -3.97 -1.38
CA SER B 210 54.64 -3.01 -0.38
C SER B 210 56.15 -2.81 -0.39
N ASN B 211 56.88 -3.64 -1.13
CA ASN B 211 58.34 -3.55 -1.26
C ASN B 211 59.01 -3.72 0.11
N THR B 212 58.60 -4.75 0.84
CA THR B 212 59.12 -5.04 2.16
C THR B 212 59.67 -6.46 2.21
N LYS B 213 60.85 -6.62 2.80
CA LYS B 213 61.50 -7.91 2.97
C LYS B 213 61.98 -8.05 4.41
N VAL B 214 61.62 -9.14 5.06
CA VAL B 214 61.91 -9.37 6.47
C VAL B 214 62.54 -10.76 6.65
N ASP B 215 63.55 -10.83 7.52
CA ASP B 215 64.15 -12.10 7.95
C ASP B 215 64.03 -12.19 9.46
N LYS B 216 63.25 -13.16 9.95
CA LYS B 216 62.98 -13.31 11.38
C LYS B 216 63.56 -14.63 11.89
N LYS B 217 64.35 -14.55 12.95
CA LYS B 217 65.00 -15.73 13.52
C LYS B 217 64.08 -16.45 14.49
N VAL B 218 64.15 -17.78 14.51
CA VAL B 218 63.31 -18.62 15.35
C VAL B 218 64.20 -19.43 16.28
N GLU B 219 63.96 -19.32 17.58
CA GLU B 219 64.73 -20.02 18.61
C GLU B 219 63.83 -20.26 19.81
N PRO B 220 64.06 -21.35 20.57
CA PRO B 220 63.26 -21.66 21.77
C PRO B 220 63.57 -20.74 22.94
N SER C 2 -17.77 11.56 -16.61
CA SER C 2 -18.73 12.65 -16.57
C SER C 2 -19.59 12.58 -15.32
N VAL C 3 -20.10 13.75 -14.89
CA VAL C 3 -21.00 13.81 -13.75
C VAL C 3 -22.18 12.89 -14.01
N LEU C 4 -22.68 12.25 -12.95
CA LEU C 4 -23.84 11.37 -13.03
C LEU C 4 -25.12 12.20 -13.03
N THR C 5 -26.07 11.82 -13.89
CA THR C 5 -27.24 12.64 -14.16
C THR C 5 -28.33 12.36 -13.12
N GLN C 6 -28.73 13.40 -12.37
CA GLN C 6 -29.85 13.40 -11.43
C GLN C 6 -30.89 14.44 -11.82
N PRO C 7 -32.16 14.24 -11.46
CA PRO C 7 -33.15 15.30 -11.67
C PRO C 7 -32.83 16.50 -10.78
N ARG C 8 -33.17 17.70 -11.27
CA ARG C 8 -32.83 18.90 -10.52
C ARG C 8 -33.57 18.96 -9.18
N SER C 9 -34.83 18.54 -9.16
CA SER C 9 -35.64 18.67 -7.95
C SER C 9 -36.70 17.58 -7.88
N VAL C 10 -37.11 17.27 -6.65
CA VAL C 10 -38.23 16.39 -6.38
C VAL C 10 -38.96 16.93 -5.15
N SER C 11 -40.24 16.63 -5.04
CA SER C 11 -41.03 17.11 -3.91
C SER C 11 -41.98 16.03 -3.42
N GLY C 12 -42.35 16.13 -2.14
CA GLY C 12 -43.33 15.25 -1.54
C GLY C 12 -43.85 15.85 -0.26
N SER C 13 -44.94 15.26 0.23
CA SER C 13 -45.58 15.59 1.50
C SER C 13 -45.15 14.61 2.58
N PRO C 14 -45.21 15.02 3.85
CA PRO C 14 -44.93 14.10 4.96
C PRO C 14 -45.72 12.80 4.84
N GLY C 15 -45.01 11.67 4.99
CA GLY C 15 -45.64 10.36 4.96
C GLY C 15 -45.63 9.69 3.60
N GLN C 16 -45.38 10.43 2.53
CA GLN C 16 -45.33 9.90 1.18
C GLN C 16 -43.96 9.27 0.91
N SER C 17 -43.86 8.60 -0.23
CA SER C 17 -42.56 8.16 -0.75
C SER C 17 -42.09 9.07 -1.87
N VAL C 18 -40.77 9.24 -1.94
CA VAL C 18 -40.11 10.06 -2.94
C VAL C 18 -38.92 9.27 -3.47
N THR C 19 -38.64 9.42 -4.77
CA THR C 19 -37.55 8.69 -5.42
C THR C 19 -36.69 9.66 -6.21
N ILE C 20 -35.38 9.36 -6.23
CA ILE C 20 -34.36 10.13 -6.94
C ILE C 20 -33.53 9.18 -7.79
N SER C 21 -33.39 9.46 -9.08
CA SER C 21 -32.60 8.62 -9.97
C SER C 21 -31.19 9.18 -10.13
N CYS C 22 -30.28 8.28 -10.54
CA CYS C 22 -28.87 8.59 -10.70
C CYS C 22 -28.36 7.79 -11.89
N THR C 23 -28.20 8.44 -13.04
CA THR C 23 -27.89 7.75 -14.27
C THR C 23 -26.44 8.01 -14.66
N GLY C 24 -25.70 6.92 -14.88
CA GLY C 24 -24.30 7.00 -15.26
C GLY C 24 -24.05 6.22 -16.54
N THR C 25 -22.82 5.80 -16.78
CA THR C 25 -22.49 5.05 -17.98
C THR C 25 -22.18 3.60 -17.62
N SER C 26 -21.98 2.78 -18.64
CA SER C 26 -21.66 1.37 -18.43
C SER C 26 -20.30 1.16 -17.78
N SER C 27 -19.52 2.21 -17.54
CA SER C 27 -18.24 2.06 -16.88
C SER C 27 -18.22 2.74 -15.52
N ASP C 28 -19.37 3.20 -15.02
CA ASP C 28 -19.45 3.56 -13.61
C ASP C 28 -20.69 2.89 -12.98
N VAL C 29 -21.83 3.58 -12.95
CA VAL C 29 -23.01 3.03 -12.29
C VAL C 29 -23.39 1.66 -12.87
N GLY C 30 -23.21 1.47 -14.17
CA GLY C 30 -23.58 0.21 -14.77
C GLY C 30 -22.59 -0.92 -14.56
N ALA C 31 -21.37 -0.61 -14.14
CA ALA C 31 -20.34 -1.64 -13.99
C ALA C 31 -20.18 -2.14 -12.56
N TYR C 32 -20.63 -1.39 -11.56
CA TYR C 32 -20.26 -1.65 -10.17
C TYR C 32 -21.48 -1.53 -9.29
N ASN C 33 -21.45 -2.20 -8.14
CA ASN C 33 -22.51 -2.00 -7.16
C ASN C 33 -22.08 -0.99 -6.09
N TYR C 34 -20.92 -0.36 -6.26
CA TYR C 34 -20.44 0.63 -5.30
C TYR C 34 -21.08 1.97 -5.65
N VAL C 35 -22.35 2.11 -5.28
CA VAL C 35 -23.08 3.35 -5.49
C VAL C 35 -23.55 3.83 -4.13
N SER C 36 -23.23 5.08 -3.81
CA SER C 36 -23.49 5.66 -2.50
C SER C 36 -24.29 6.95 -2.66
N TRP C 37 -24.94 7.34 -1.56
CA TRP C 37 -25.78 8.53 -1.55
C TRP C 37 -25.49 9.37 -0.32
N TYR C 38 -25.53 10.70 -0.50
CA TYR C 38 -25.30 11.68 0.54
C TYR C 38 -26.45 12.69 0.61
N GLN C 39 -26.71 13.14 1.83
CA GLN C 39 -27.70 14.17 2.14
C GLN C 39 -26.98 15.43 2.59
N GLN C 40 -27.40 16.60 2.12
CA GLN C 40 -26.74 17.83 2.55
C GLN C 40 -27.78 18.88 2.85
N HIS C 41 -27.80 19.35 4.12
CA HIS C 41 -28.69 20.43 4.52
C HIS C 41 -28.03 21.77 4.24
N PRO C 42 -28.81 22.85 4.15
CA PRO C 42 -28.23 24.16 3.84
C PRO C 42 -27.09 24.52 4.80
N GLY C 43 -25.96 24.91 4.22
CA GLY C 43 -24.84 25.37 5.01
C GLY C 43 -24.10 24.31 5.78
N LYS C 44 -24.38 23.03 5.55
CA LYS C 44 -23.78 21.95 6.31
C LYS C 44 -23.01 21.02 5.38
N ALA C 45 -22.12 20.23 5.99
CA ALA C 45 -21.39 19.24 5.23
C ALA C 45 -22.32 18.09 4.86
N PRO C 46 -22.02 17.39 3.76
CA PRO C 46 -22.82 16.21 3.40
C PRO C 46 -22.79 15.16 4.49
N LYS C 47 -23.84 14.34 4.50
CA LYS C 47 -23.98 13.23 5.43
C LYS C 47 -24.15 11.95 4.61
N PHE C 48 -23.39 10.92 4.98
CA PHE C 48 -23.38 9.60 4.34
C PHE C 48 -24.69 8.87 4.62
N MET C 49 -25.44 8.51 3.57
CA MET C 49 -26.77 7.93 3.78
C MET C 49 -26.90 6.49 3.28
N ILE C 50 -26.31 6.16 2.14
CA ILE C 50 -26.46 4.84 1.53
C ILE C 50 -25.13 4.42 0.91
N TYR C 51 -24.81 3.13 1.01
CA TYR C 51 -23.70 2.54 0.25
C TYR C 51 -24.14 1.19 -0.30
N ASP C 52 -23.34 0.64 -1.23
CA ASP C 52 -23.65 -0.66 -1.87
C ASP C 52 -25.08 -0.69 -2.40
N VAL C 53 -25.51 0.44 -3.00
CA VAL C 53 -26.85 0.61 -3.59
C VAL C 53 -27.96 0.73 -2.55
N ASP C 54 -28.00 -0.21 -1.59
CA ASP C 54 -29.15 -0.26 -0.69
C ASP C 54 -28.79 -0.51 0.78
N GLN C 55 -27.54 -0.30 1.19
CA GLN C 55 -27.14 -0.51 2.58
C GLN C 55 -27.10 0.83 3.30
N ARG C 56 -27.47 0.82 4.58
CA ARG C 56 -27.42 2.06 5.35
C ARG C 56 -26.28 2.01 6.35
N PRO C 57 -25.42 3.03 6.37
CA PRO C 57 -24.42 3.14 7.42
C PRO C 57 -25.10 3.32 8.76
N SER C 58 -24.30 3.17 9.82
CA SER C 58 -24.79 3.25 11.19
C SER C 58 -25.60 4.53 11.45
N GLY C 59 -26.78 4.36 12.05
CA GLY C 59 -27.61 5.48 12.45
C GLY C 59 -28.58 6.05 11.42
N VAL C 60 -28.45 5.71 10.14
CA VAL C 60 -29.31 6.31 9.11
C VAL C 60 -30.70 5.69 9.19
N PRO C 61 -31.79 6.48 9.15
CA PRO C 61 -33.13 5.91 9.27
C PRO C 61 -33.39 4.86 8.19
N ASP C 62 -34.09 3.79 8.58
CA ASP C 62 -34.44 2.70 7.66
C ASP C 62 -35.38 3.15 6.54
N ARG C 63 -35.89 4.39 6.61
CA ARG C 63 -36.75 4.93 5.55
C ARG C 63 -36.00 5.10 4.24
N PHE C 64 -34.67 5.14 4.28
CA PHE C 64 -33.87 5.29 3.08
C PHE C 64 -33.46 3.90 2.58
N SER C 65 -33.75 3.63 1.30
CA SER C 65 -33.34 2.40 0.63
C SER C 65 -32.94 2.74 -0.80
N GLY C 66 -32.45 1.73 -1.52
CA GLY C 66 -32.00 1.93 -2.89
C GLY C 66 -32.27 0.73 -3.76
N SER C 67 -32.11 0.94 -5.06
CA SER C 67 -32.13 -0.13 -6.05
C SER C 67 -31.37 0.37 -7.27
N LYS C 68 -31.08 -0.55 -8.18
CA LYS C 68 -30.33 -0.18 -9.38
C LYS C 68 -30.80 -1.05 -10.53
N SER C 69 -30.79 -0.46 -11.72
CA SER C 69 -31.09 -1.20 -12.94
C SER C 69 -30.16 -0.68 -14.04
N GLY C 70 -29.20 -1.50 -14.43
CA GLY C 70 -28.26 -1.07 -15.45
C GLY C 70 -27.50 0.17 -15.06
N ASN C 71 -27.53 1.19 -15.92
CA ASN C 71 -26.75 2.39 -15.68
C ASN C 71 -27.42 3.37 -14.73
N THR C 72 -28.59 3.04 -14.17
CA THR C 72 -29.31 3.97 -13.29
C THR C 72 -29.55 3.34 -11.92
N ALA C 73 -29.10 4.03 -10.87
CA ALA C 73 -29.37 3.70 -9.48
C ALA C 73 -30.44 4.64 -8.93
N SER C 74 -31.10 4.20 -7.85
CA SER C 74 -32.22 4.94 -7.29
C SER C 74 -32.12 5.04 -5.77
N LEU C 75 -32.42 6.23 -5.26
CA LEU C 75 -32.69 6.45 -3.85
C LEU C 75 -34.20 6.44 -3.66
N ILE C 76 -34.67 5.65 -2.69
CA ILE C 76 -36.09 5.53 -2.36
C ILE C 76 -36.28 5.93 -0.90
N ILE C 77 -37.07 6.97 -0.68
CA ILE C 77 -37.33 7.49 0.66
C ILE C 77 -38.77 7.19 1.02
N SER C 78 -39.01 6.25 1.92
CA SER C 78 -40.37 6.02 2.39
C SER C 78 -40.64 6.87 3.63
N GLY C 79 -41.92 7.06 3.92
CA GLY C 79 -42.34 7.82 5.11
C GLY C 79 -41.69 9.18 5.25
N LEU C 80 -41.72 9.98 4.18
CA LEU C 80 -40.99 11.24 4.11
C LEU C 80 -41.23 12.11 5.34
N GLN C 81 -40.16 12.71 5.85
CA GLN C 81 -40.22 13.54 7.05
C GLN C 81 -39.65 14.93 6.75
N ALA C 82 -40.03 15.90 7.59
CA ALA C 82 -39.65 17.29 7.33
C ALA C 82 -38.13 17.43 7.27
N GLU C 83 -37.43 16.68 8.13
CA GLU C 83 -35.98 16.70 8.20
C GLU C 83 -35.31 16.19 6.92
N ASP C 84 -36.04 15.42 6.10
CA ASP C 84 -35.48 14.93 4.84
C ASP C 84 -35.30 16.03 3.80
N GLU C 85 -35.88 17.21 4.02
CA GLU C 85 -35.69 18.31 3.07
C GLU C 85 -34.22 18.68 3.03
N ALA C 86 -33.60 18.57 1.86
CA ALA C 86 -32.15 18.60 1.70
C ALA C 86 -31.80 18.37 0.24
N ASP C 87 -30.52 18.56 -0.08
CA ASP C 87 -30.00 18.14 -1.38
C ASP C 87 -29.42 16.75 -1.25
N TYR C 88 -29.65 15.91 -2.27
CA TYR C 88 -29.14 14.54 -2.29
C TYR C 88 -28.21 14.33 -3.47
N TYR C 89 -27.09 13.67 -3.20
CA TYR C 89 -26.05 13.42 -4.18
C TYR C 89 -25.81 11.93 -4.26
N CYS C 90 -25.92 11.37 -5.45
CA CYS C 90 -25.42 10.01 -5.61
C CYS C 90 -23.91 10.06 -5.90
N SER C 91 -23.27 8.91 -5.81
CA SER C 91 -21.87 8.82 -6.18
C SER C 91 -21.58 7.38 -6.54
N SER C 92 -20.72 7.20 -7.54
CA SER C 92 -20.39 5.87 -8.03
C SER C 92 -18.89 5.67 -8.19
N TYR C 93 -18.47 4.44 -7.97
CA TYR C 93 -17.12 4.04 -8.34
C TYR C 93 -17.03 4.09 -9.86
N ALA C 94 -15.87 4.48 -10.38
CA ALA C 94 -15.74 4.61 -11.83
C ALA C 94 -14.59 3.79 -12.38
N GLY C 95 -14.09 2.85 -11.61
CA GLY C 95 -12.93 2.07 -12.05
C GLY C 95 -11.64 2.77 -11.69
N SER C 96 -10.60 1.96 -11.50
CA SER C 96 -9.25 2.43 -11.24
C SER C 96 -9.17 3.35 -10.02
N TYR C 97 -9.92 2.99 -8.97
CA TYR C 97 -9.92 3.70 -7.68
C TYR C 97 -10.31 5.17 -7.84
N ILE C 98 -11.20 5.46 -8.77
CA ILE C 98 -11.75 6.80 -8.98
C ILE C 98 -13.22 6.76 -8.58
N TRP C 99 -13.68 7.80 -7.88
CA TRP C 99 -15.11 8.02 -7.63
C TRP C 99 -15.61 9.26 -8.34
N VAL C 100 -16.93 9.32 -8.56
CA VAL C 100 -17.58 10.48 -9.19
C VAL C 100 -18.96 10.67 -8.56
N PHE C 101 -19.32 11.94 -8.30
CA PHE C 101 -20.64 12.33 -7.79
C PHE C 101 -21.60 12.67 -8.91
N GLY C 102 -22.89 12.46 -8.64
CA GLY C 102 -23.95 13.05 -9.44
C GLY C 102 -24.14 14.54 -9.16
N GLY C 103 -24.99 15.16 -9.98
CA GLY C 103 -25.15 16.61 -9.96
C GLY C 103 -26.02 17.15 -8.84
N GLY C 104 -26.65 16.28 -8.05
CA GLY C 104 -27.50 16.75 -6.98
C GLY C 104 -28.97 16.89 -7.33
N THR C 105 -29.83 16.60 -6.37
CA THR C 105 -31.28 16.79 -6.49
C THR C 105 -31.73 17.54 -5.25
N GLN C 106 -32.44 18.64 -5.45
CA GLN C 106 -33.03 19.36 -4.33
C GLN C 106 -34.38 18.76 -3.97
N LEU C 107 -34.49 18.22 -2.76
CA LEU C 107 -35.73 17.63 -2.27
C LEU C 107 -36.44 18.61 -1.33
N THR C 108 -37.67 18.95 -1.64
CA THR C 108 -38.48 19.81 -0.79
C THR C 108 -39.59 18.99 -0.14
N VAL C 109 -39.76 19.17 1.16
CA VAL C 109 -40.85 18.57 1.91
C VAL C 109 -41.87 19.66 2.17
N LEU C 110 -43.03 19.55 1.50
CA LEU C 110 -44.05 20.58 1.58
C LEU C 110 -44.47 20.67 3.05
N GLY C 111 -44.16 21.79 3.68
CA GLY C 111 -44.44 21.95 5.09
C GLY C 111 -45.37 23.09 5.45
N GLN C 112 -45.92 23.80 4.47
CA GLN C 112 -46.78 24.94 4.77
C GLN C 112 -47.63 25.25 3.54
N PRO C 113 -48.75 25.96 3.73
CA PRO C 113 -49.64 26.26 2.59
C PRO C 113 -48.95 27.10 1.53
N LYS C 114 -49.44 26.96 0.30
CA LYS C 114 -48.94 27.78 -0.79
C LYS C 114 -49.18 29.25 -0.45
N ALA C 115 -48.20 30.08 -0.79
CA ALA C 115 -48.28 31.51 -0.57
C ALA C 115 -47.70 32.20 -1.79
N ALA C 116 -48.45 33.14 -2.36
CA ALA C 116 -48.02 33.83 -3.56
C ALA C 116 -46.97 34.89 -3.20
N PRO C 117 -46.04 35.17 -4.11
CA PRO C 117 -44.98 36.13 -3.78
C PRO C 117 -45.49 37.56 -3.78
N SER C 118 -44.98 38.35 -2.84
CA SER C 118 -45.05 39.79 -2.96
C SER C 118 -43.88 40.25 -3.83
N VAL C 119 -44.15 41.15 -4.76
CA VAL C 119 -43.16 41.61 -5.73
C VAL C 119 -43.07 43.13 -5.63
N THR C 120 -41.86 43.63 -5.46
CA THR C 120 -41.62 45.07 -5.47
C THR C 120 -40.53 45.37 -6.46
N LEU C 121 -40.81 46.25 -7.42
CA LEU C 121 -39.86 46.60 -8.47
C LEU C 121 -39.41 48.03 -8.26
N PHE C 122 -38.12 48.21 -7.97
CA PHE C 122 -37.58 49.55 -7.76
C PHE C 122 -36.91 50.02 -9.04
N PRO C 123 -37.18 51.25 -9.48
CA PRO C 123 -36.46 51.82 -10.62
C PRO C 123 -35.04 52.19 -10.21
N PRO C 124 -34.17 52.56 -11.16
CA PRO C 124 -32.84 53.04 -10.75
C PRO C 124 -32.97 54.31 -9.92
N SER C 125 -32.13 54.43 -8.89
CA SER C 125 -32.17 55.59 -8.03
C SER C 125 -31.59 56.81 -8.75
N SER C 126 -32.04 58.00 -8.34
CA SER C 126 -31.46 59.21 -8.93
C SER C 126 -29.96 59.27 -8.65
N GLU C 127 -29.54 58.83 -7.47
CA GLU C 127 -28.11 58.80 -7.17
C GLU C 127 -27.34 57.89 -8.13
N GLU C 128 -27.88 56.69 -8.41
CA GLU C 128 -27.20 55.80 -9.35
C GLU C 128 -27.18 56.37 -10.77
N LEU C 129 -28.27 57.00 -11.20
CA LEU C 129 -28.29 57.62 -12.53
C LEU C 129 -27.29 58.76 -12.63
N GLN C 130 -27.15 59.56 -11.57
CA GLN C 130 -26.14 60.62 -11.57
C GLN C 130 -24.73 60.05 -11.71
N ALA C 131 -24.51 58.85 -11.16
CA ALA C 131 -23.29 58.09 -11.41
C ALA C 131 -23.27 57.46 -12.81
N ASN C 132 -24.33 57.67 -13.61
CA ASN C 132 -24.41 57.20 -15.00
C ASN C 132 -24.48 55.68 -15.11
N LYS C 133 -25.10 55.06 -14.12
CA LYS C 133 -25.45 53.65 -14.13
C LYS C 133 -26.94 53.51 -13.83
N ALA C 134 -27.51 52.36 -14.21
CA ALA C 134 -28.92 52.11 -13.89
C ALA C 134 -29.09 50.64 -13.54
N THR C 135 -29.74 50.35 -12.41
CA THR C 135 -30.05 48.97 -12.01
C THR C 135 -31.52 48.89 -11.63
N LEU C 136 -32.26 48.00 -12.27
CA LEU C 136 -33.64 47.73 -11.88
C LEU C 136 -33.61 46.59 -10.86
N VAL C 137 -34.27 46.76 -9.73
CA VAL C 137 -34.17 45.80 -8.65
C VAL C 137 -35.55 45.21 -8.38
N CYS C 138 -35.67 43.90 -8.61
CA CYS C 138 -36.95 43.21 -8.43
C CYS C 138 -36.81 42.33 -7.20
N LEU C 139 -37.49 42.70 -6.13
CA LEU C 139 -37.41 41.96 -4.88
C LEU C 139 -38.70 41.16 -4.72
N ILE C 140 -38.56 39.90 -4.37
CA ILE C 140 -39.65 38.93 -4.36
C ILE C 140 -39.63 38.24 -3.00
N SER C 141 -40.76 38.23 -2.30
CA SER C 141 -40.74 37.75 -0.92
C SER C 141 -42.03 37.00 -0.58
N ASP C 142 -41.95 36.26 0.53
CA ASP C 142 -43.10 35.65 1.19
C ASP C 142 -43.82 34.64 0.31
N PHE C 143 -43.07 33.87 -0.46
CA PHE C 143 -43.68 32.81 -1.25
C PHE C 143 -43.26 31.43 -0.76
N TYR C 144 -44.11 30.45 -1.04
CA TYR C 144 -43.91 29.05 -0.71
C TYR C 144 -44.73 28.26 -1.71
N PRO C 145 -44.16 27.20 -2.32
CA PRO C 145 -42.80 26.71 -2.09
C PRO C 145 -41.73 27.64 -2.65
N GLY C 146 -40.46 27.34 -2.36
CA GLY C 146 -39.39 28.26 -2.70
C GLY C 146 -38.85 28.08 -4.10
N ALA C 147 -39.68 28.30 -5.11
CA ALA C 147 -39.26 28.16 -6.50
C ALA C 147 -40.03 29.14 -7.36
N VAL C 148 -39.32 30.02 -8.06
CA VAL C 148 -39.92 30.99 -8.97
C VAL C 148 -39.04 31.04 -10.21
N THR C 149 -39.65 31.50 -11.30
CA THR C 149 -38.93 31.92 -12.50
C THR C 149 -39.20 33.40 -12.71
N VAL C 150 -38.20 34.11 -13.21
CA VAL C 150 -38.23 35.56 -13.33
C VAL C 150 -37.95 35.94 -14.78
N ALA C 151 -38.85 36.71 -15.38
CA ALA C 151 -38.72 37.17 -16.75
C ALA C 151 -38.83 38.69 -16.77
N TRP C 152 -37.92 39.33 -17.52
CA TRP C 152 -37.88 40.78 -17.63
C TRP C 152 -38.38 41.23 -19.00
N LYS C 153 -39.14 42.33 -19.00
CA LYS C 153 -39.69 42.92 -20.22
C LYS C 153 -39.28 44.38 -20.30
N ALA C 154 -38.85 44.81 -21.48
CA ALA C 154 -38.64 46.20 -21.80
C ALA C 154 -39.76 46.61 -22.74
N ASP C 155 -40.60 47.55 -22.29
CA ASP C 155 -41.93 47.75 -22.85
C ASP C 155 -42.64 46.40 -22.72
N SER C 156 -42.80 45.66 -23.80
CA SER C 156 -43.38 44.33 -23.69
C SER C 156 -42.51 43.28 -24.36
N SER C 157 -41.28 43.61 -24.61
CA SER C 157 -40.31 42.78 -25.32
C SER C 157 -39.38 42.12 -24.31
N PRO C 158 -39.12 40.82 -24.45
CA PRO C 158 -38.30 40.12 -23.44
C PRO C 158 -36.87 40.64 -23.43
N VAL C 159 -36.28 40.68 -22.24
CA VAL C 159 -34.90 41.10 -22.05
C VAL C 159 -34.16 40.02 -21.28
N LYS C 160 -33.13 39.44 -21.88
CA LYS C 160 -32.27 38.49 -21.18
C LYS C 160 -30.90 39.05 -20.84
N ALA C 161 -30.39 40.01 -21.61
CA ALA C 161 -29.06 40.55 -21.33
C ALA C 161 -29.08 41.42 -20.08
N GLY C 162 -28.03 41.29 -19.28
CA GLY C 162 -27.90 42.10 -18.07
C GLY C 162 -28.76 41.67 -16.91
N VAL C 163 -29.20 40.41 -16.87
CA VAL C 163 -30.08 39.91 -15.81
C VAL C 163 -29.26 39.00 -14.90
N GLU C 164 -29.34 39.25 -13.60
CA GLU C 164 -28.83 38.32 -12.59
C GLU C 164 -29.95 38.04 -11.61
N THR C 165 -30.11 36.76 -11.25
CA THR C 165 -31.18 36.38 -10.34
C THR C 165 -30.62 35.44 -9.28
N THR C 166 -31.04 35.63 -8.04
CA THR C 166 -30.60 34.75 -6.97
C THR C 166 -31.54 33.57 -6.84
N THR C 167 -31.01 32.47 -6.34
CA THR C 167 -31.80 31.32 -5.94
C THR C 167 -32.63 31.69 -4.71
N PRO C 168 -33.85 31.16 -4.59
CA PRO C 168 -34.66 31.53 -3.43
C PRO C 168 -33.96 31.20 -2.13
N SER C 169 -34.14 32.08 -1.14
CA SER C 169 -33.51 31.99 0.16
C SER C 169 -34.58 32.06 1.24
N LYS C 170 -34.42 31.25 2.28
CA LYS C 170 -35.45 31.17 3.30
C LYS C 170 -35.42 32.41 4.18
N GLN C 171 -36.58 33.03 4.37
CA GLN C 171 -36.69 34.18 5.26
C GLN C 171 -36.83 33.72 6.70
N SER C 172 -36.84 34.69 7.61
CA SER C 172 -37.02 34.37 9.03
C SER C 172 -38.37 33.70 9.28
N ASN C 173 -39.39 34.07 8.52
CA ASN C 173 -40.72 33.47 8.67
C ASN C 173 -40.87 32.11 7.99
N ASN C 174 -39.81 31.58 7.38
CA ASN C 174 -39.75 30.28 6.71
C ASN C 174 -40.49 30.25 5.38
N LYS C 175 -40.99 31.39 4.90
CA LYS C 175 -41.31 31.52 3.49
C LYS C 175 -40.03 31.91 2.76
N TYR C 176 -40.11 32.00 1.43
CA TYR C 176 -38.92 32.23 0.63
C TYR C 176 -38.95 33.58 -0.05
N ALA C 177 -37.75 34.07 -0.35
CA ALA C 177 -37.55 35.32 -1.06
C ALA C 177 -36.52 35.11 -2.17
N ALA C 178 -36.59 35.97 -3.18
CA ALA C 178 -35.59 35.95 -4.24
C ALA C 178 -35.40 37.38 -4.73
N SER C 179 -34.32 37.59 -5.48
CA SER C 179 -34.03 38.90 -6.03
C SER C 179 -33.59 38.73 -7.48
N SER C 180 -33.95 39.69 -8.32
CA SER C 180 -33.48 39.73 -9.69
C SER C 180 -33.09 41.16 -10.02
N TYR C 181 -32.03 41.30 -10.80
CA TYR C 181 -31.51 42.61 -11.17
C TYR C 181 -31.43 42.71 -12.68
N LEU C 182 -31.81 43.87 -13.21
CA LEU C 182 -31.60 44.19 -14.62
C LEU C 182 -30.69 45.39 -14.68
N SER C 183 -29.49 45.21 -15.23
CA SER C 183 -28.51 46.27 -15.30
C SER C 183 -28.58 46.93 -16.67
N LEU C 184 -28.72 48.26 -16.68
CA LEU C 184 -28.91 48.99 -17.91
C LEU C 184 -28.03 50.22 -17.94
N THR C 185 -27.72 50.69 -19.15
CA THR C 185 -27.19 52.04 -19.27
C THR C 185 -28.34 53.01 -19.04
N PRO C 186 -28.04 54.24 -18.63
CA PRO C 186 -29.10 55.25 -18.53
C PRO C 186 -29.85 55.43 -19.84
N GLU C 187 -29.14 55.31 -20.97
CA GLU C 187 -29.78 55.47 -22.28
C GLU C 187 -30.78 54.36 -22.54
N GLN C 188 -30.42 53.11 -22.23
CA GLN C 188 -31.37 52.01 -22.40
C GLN C 188 -32.59 52.21 -21.52
N TRP C 189 -32.35 52.66 -20.29
CA TRP C 189 -33.43 52.89 -19.36
C TRP C 189 -34.40 53.95 -19.90
N LYS C 190 -33.87 55.06 -20.41
CA LYS C 190 -34.70 56.16 -20.89
C LYS C 190 -35.36 55.87 -22.23
N SER C 191 -34.83 54.90 -23.00
CA SER C 191 -35.33 54.61 -24.34
C SER C 191 -36.63 53.82 -24.34
N HIS C 192 -37.05 53.25 -23.22
CA HIS C 192 -38.29 52.49 -23.18
C HIS C 192 -39.37 53.22 -22.40
N ARG C 193 -40.63 52.93 -22.73
CA ARG C 193 -41.74 53.50 -21.99
C ARG C 193 -41.80 52.90 -20.59
N SER C 194 -41.59 51.59 -20.47
CA SER C 194 -41.65 50.92 -19.18
C SER C 194 -40.75 49.69 -19.19
N TYR C 195 -40.54 49.15 -18.00
CA TYR C 195 -39.85 47.90 -17.78
C TYR C 195 -40.68 47.10 -16.79
N SER C 196 -40.72 45.78 -16.96
CA SER C 196 -41.55 44.91 -16.11
C SER C 196 -40.77 43.72 -15.61
N CYS C 197 -41.00 43.38 -14.35
CA CYS C 197 -40.50 42.15 -13.73
C CYS C 197 -41.68 41.21 -13.53
N GLN C 198 -41.64 40.05 -14.17
CA GLN C 198 -42.73 39.07 -14.12
C GLN C 198 -42.24 37.86 -13.34
N VAL C 199 -42.94 37.54 -12.25
CA VAL C 199 -42.58 36.45 -11.35
C VAL C 199 -43.62 35.37 -11.48
N THR C 200 -43.21 34.20 -11.94
CA THR C 200 -44.09 33.05 -12.06
C THR C 200 -43.87 32.12 -10.87
N HIS C 201 -44.95 31.77 -10.18
CA HIS C 201 -44.89 30.94 -8.99
C HIS C 201 -46.07 29.97 -9.03
N GLU C 202 -45.76 28.68 -9.03
CA GLU C 202 -46.78 27.63 -9.01
C GLU C 202 -47.81 27.85 -10.11
N GLY C 203 -47.32 28.19 -11.30
CA GLY C 203 -48.16 28.36 -12.47
C GLY C 203 -48.89 29.69 -12.57
N SER C 204 -48.71 30.61 -11.62
CA SER C 204 -49.36 31.91 -11.66
C SER C 204 -48.30 32.99 -11.70
N THR C 205 -48.56 34.05 -12.48
CA THR C 205 -47.58 35.09 -12.72
C THR C 205 -48.02 36.39 -12.06
N VAL C 206 -47.10 37.01 -11.32
CA VAL C 206 -47.29 38.32 -10.70
C VAL C 206 -46.30 39.27 -11.36
N GLU C 207 -46.76 40.48 -11.68
CA GLU C 207 -45.98 41.42 -12.47
C GLU C 207 -45.99 42.80 -11.82
N LYS C 208 -44.83 43.46 -11.83
CA LYS C 208 -44.72 44.87 -11.45
C LYS C 208 -44.01 45.63 -12.56
N THR C 209 -44.31 46.93 -12.66
CA THR C 209 -43.90 47.74 -13.78
C THR C 209 -43.44 49.11 -13.29
N VAL C 210 -42.34 49.60 -13.84
CA VAL C 210 -41.83 50.94 -13.57
C VAL C 210 -41.58 51.65 -14.88
N ALA C 211 -41.69 52.98 -14.86
CA ALA C 211 -41.46 53.78 -16.04
C ALA C 211 -40.49 54.91 -15.72
N PRO C 212 -39.59 55.25 -16.63
CA PRO C 212 -38.68 56.38 -16.38
C PRO C 212 -39.41 57.69 -16.17
N THR C 213 -40.41 57.98 -17.00
CA THR C 213 -41.16 59.23 -16.88
C THR C 213 -42.15 59.18 -15.73
N GLU C 214 -42.70 58.00 -15.42
CA GLU C 214 -43.59 57.84 -14.28
C GLU C 214 -42.74 57.59 -13.03
N CYS C 215 -42.07 58.67 -12.61
CA CYS C 215 -41.16 58.67 -11.47
C CYS C 215 -39.93 57.83 -11.73
N GLN D 1 11.67 -17.73 14.76
CA GLN D 1 12.76 -18.02 13.84
C GLN D 1 13.54 -19.27 14.28
N SER D 2 13.11 -20.43 13.82
CA SER D 2 13.70 -21.67 14.27
C SER D 2 14.71 -22.18 13.24
N VAL D 3 15.86 -22.63 13.75
CA VAL D 3 16.92 -23.17 12.92
C VAL D 3 16.56 -24.56 12.42
N LEU D 4 16.88 -24.86 11.16
CA LEU D 4 16.85 -26.23 10.66
C LEU D 4 18.27 -26.78 10.75
N THR D 5 18.48 -27.77 11.59
CA THR D 5 19.82 -28.28 11.86
C THR D 5 20.14 -29.44 10.92
N GLN D 6 21.23 -29.30 10.17
CA GLN D 6 21.80 -30.35 9.33
C GLN D 6 23.19 -30.71 9.85
N PRO D 7 23.67 -31.93 9.61
CA PRO D 7 25.08 -32.22 9.94
C PRO D 7 26.00 -31.35 9.10
N ALA D 8 27.07 -30.88 9.71
CA ALA D 8 28.04 -30.04 8.99
C ALA D 8 28.58 -30.77 7.76
N SER D 9 28.81 -32.08 7.87
CA SER D 9 29.36 -32.82 6.74
C SER D 9 28.92 -34.28 6.81
N VAL D 10 28.84 -34.88 5.62
CA VAL D 10 28.68 -36.32 5.47
C VAL D 10 29.55 -36.73 4.29
N SER D 11 30.01 -37.97 4.31
CA SER D 11 30.83 -38.47 3.23
C SER D 11 30.41 -39.89 2.90
N GLY D 12 30.74 -40.31 1.69
CA GLY D 12 30.49 -41.67 1.25
C GLY D 12 31.42 -41.96 0.10
N SER D 13 31.49 -43.23 -0.26
CA SER D 13 32.28 -43.60 -1.42
C SER D 13 31.38 -43.64 -2.65
N PRO D 14 31.95 -43.51 -3.85
CA PRO D 14 31.14 -43.66 -5.07
C PRO D 14 30.33 -44.95 -5.03
N GLY D 15 29.02 -44.82 -5.31
CA GLY D 15 28.12 -45.94 -5.36
C GLY D 15 27.34 -46.20 -4.08
N GLN D 16 27.77 -45.63 -2.95
CA GLN D 16 27.00 -45.79 -1.73
C GLN D 16 25.79 -44.86 -1.73
N SER D 17 24.88 -45.11 -0.78
CA SER D 17 23.80 -44.18 -0.46
C SER D 17 24.18 -43.42 0.80
N ILE D 18 23.91 -42.12 0.81
CA ILE D 18 24.13 -41.30 1.99
C ILE D 18 22.85 -40.54 2.29
N THR D 19 22.66 -40.19 3.55
CA THR D 19 21.46 -39.48 3.96
C THR D 19 21.86 -38.26 4.77
N ILE D 20 21.11 -37.17 4.60
CA ILE D 20 21.33 -35.89 5.27
C ILE D 20 20.04 -35.56 5.98
N SER D 21 20.12 -35.34 7.29
CA SER D 21 18.93 -34.99 8.06
C SER D 21 18.79 -33.47 8.20
N CYS D 22 17.55 -33.07 8.47
CA CYS D 22 17.18 -31.66 8.60
C CYS D 22 16.11 -31.61 9.67
N THR D 23 16.49 -31.24 10.89
CA THR D 23 15.63 -31.33 12.06
C THR D 23 15.14 -29.94 12.47
N GLY D 24 13.92 -29.89 13.00
CA GLY D 24 13.37 -28.66 13.52
C GLY D 24 12.25 -28.03 12.71
N ILE D 25 11.72 -28.74 11.71
CA ILE D 25 10.70 -28.19 10.83
C ILE D 25 9.37 -28.09 11.56
N SER D 26 8.69 -26.97 11.37
CA SER D 26 7.31 -26.80 11.79
C SER D 26 6.47 -26.42 10.57
N SER D 27 5.17 -26.68 10.67
CA SER D 27 4.23 -26.27 9.64
C SER D 27 3.00 -25.67 10.28
N ASP D 28 2.18 -25.04 9.45
CA ASP D 28 0.88 -24.53 9.86
C ASP D 28 -0.15 -25.22 9.00
N VAL D 29 -0.90 -26.15 9.61
CA VAL D 29 -1.91 -26.92 8.87
C VAL D 29 -2.93 -26.00 8.22
N GLY D 30 -3.18 -24.82 8.81
CA GLY D 30 -4.08 -23.83 8.23
C GLY D 30 -3.49 -22.97 7.11
N GLY D 31 -2.19 -23.05 6.83
CA GLY D 31 -1.58 -22.21 5.81
C GLY D 31 -0.94 -23.00 4.68
N TYR D 32 -0.05 -22.38 3.90
CA TYR D 32 0.73 -23.11 2.91
C TYR D 32 2.10 -23.48 3.48
N ASN D 33 2.61 -24.63 3.05
CA ASN D 33 3.91 -25.12 3.52
C ASN D 33 4.65 -25.83 2.40
N SER D 34 5.97 -25.85 2.51
CA SER D 34 6.78 -26.74 1.69
C SER D 34 8.08 -27.07 2.40
N VAL D 35 8.69 -28.17 1.99
CA VAL D 35 10.06 -28.51 2.38
C VAL D 35 10.84 -28.72 1.09
N SER D 36 12.02 -28.11 1.01
CA SER D 36 12.83 -28.09 -0.19
C SER D 36 14.23 -28.59 0.12
N TRP D 37 14.95 -29.03 -0.92
CA TRP D 37 16.40 -29.27 -0.79
C TRP D 37 17.11 -28.61 -1.96
N TYR D 38 18.21 -27.94 -1.67
CA TYR D 38 18.99 -27.24 -2.68
C TYR D 38 20.42 -27.77 -2.70
N GLN D 39 20.98 -27.85 -3.89
CA GLN D 39 22.37 -28.22 -4.11
C GLN D 39 23.12 -26.97 -4.59
N GLN D 40 24.34 -26.76 -4.09
CA GLN D 40 25.11 -25.60 -4.52
C GLN D 40 26.55 -26.00 -4.76
N HIS D 41 27.01 -25.82 -5.99
CA HIS D 41 28.42 -26.02 -6.33
C HIS D 41 29.20 -24.72 -6.16
N PRO D 42 30.50 -24.82 -5.94
CA PRO D 42 31.33 -23.61 -5.77
C PRO D 42 31.13 -22.63 -6.92
N GLY D 43 30.91 -21.37 -6.56
CA GLY D 43 30.78 -20.32 -7.55
C GLY D 43 29.48 -20.31 -8.32
N LYS D 44 28.47 -21.08 -7.90
CA LYS D 44 27.21 -21.16 -8.62
C LYS D 44 26.03 -20.86 -7.69
N ALA D 45 24.90 -20.51 -8.30
CA ALA D 45 23.68 -20.28 -7.54
C ALA D 45 23.11 -21.61 -7.05
N PRO D 46 22.36 -21.59 -5.94
CA PRO D 46 21.69 -22.82 -5.49
C PRO D 46 20.75 -23.36 -6.56
N LYS D 47 20.56 -24.68 -6.53
CA LYS D 47 19.70 -25.38 -7.47
C LYS D 47 18.72 -26.23 -6.70
N LEU D 48 17.43 -26.06 -7.00
CA LEU D 48 16.37 -26.85 -6.37
C LEU D 48 16.46 -28.30 -6.83
N MET D 49 16.62 -29.22 -5.87
CA MET D 49 16.74 -30.64 -6.14
C MET D 49 15.49 -31.41 -5.74
N ILE D 50 14.89 -31.05 -4.62
CA ILE D 50 13.68 -31.67 -4.13
C ILE D 50 12.76 -30.53 -3.76
N TYR D 51 11.48 -30.63 -4.15
CA TYR D 51 10.49 -29.63 -3.76
C TYR D 51 9.25 -30.34 -3.25
N ASP D 52 8.49 -29.62 -2.41
CA ASP D 52 7.28 -30.17 -1.81
C ASP D 52 7.57 -31.54 -1.17
N VAL D 53 8.66 -31.57 -0.38
CA VAL D 53 9.11 -32.69 0.44
C VAL D 53 9.75 -33.83 -0.36
N THR D 54 9.08 -34.30 -1.42
CA THR D 54 9.47 -35.54 -2.09
C THR D 54 9.64 -35.46 -3.61
N ASN D 55 9.42 -34.31 -4.24
CA ASN D 55 9.33 -34.29 -5.70
C ASN D 55 10.61 -33.74 -6.32
N ARG D 56 10.86 -34.14 -7.56
CA ARG D 56 12.06 -33.76 -8.30
C ARG D 56 11.69 -32.93 -9.52
N PRO D 57 12.35 -31.80 -9.76
CA PRO D 57 12.17 -31.12 -11.05
C PRO D 57 12.66 -32.01 -12.18
N SER D 58 12.17 -31.72 -13.38
CA SER D 58 12.65 -32.41 -14.57
C SER D 58 14.16 -32.23 -14.68
N GLY D 59 14.86 -33.31 -15.01
CA GLY D 59 16.30 -33.28 -15.16
C GLY D 59 17.10 -33.57 -13.90
N VAL D 60 16.48 -33.50 -12.73
CA VAL D 60 17.18 -33.87 -11.50
C VAL D 60 17.17 -35.39 -11.40
N SER D 61 18.36 -35.99 -11.25
CA SER D 61 18.49 -37.44 -11.23
C SER D 61 17.59 -38.07 -10.16
N ASN D 62 17.01 -39.22 -10.48
CA ASN D 62 16.22 -39.91 -9.46
C ASN D 62 17.08 -40.60 -8.40
N ARG D 63 18.42 -40.49 -8.48
CA ARG D 63 19.25 -40.85 -7.32
C ARG D 63 18.95 -39.98 -6.11
N PHE D 64 18.33 -38.81 -6.31
CA PHE D 64 17.97 -37.92 -5.22
C PHE D 64 16.53 -38.18 -4.78
N SER D 65 16.32 -38.36 -3.49
CA SER D 65 14.97 -38.47 -2.99
C SER D 65 14.88 -37.76 -1.65
N GLY D 66 13.66 -37.37 -1.29
CA GLY D 66 13.44 -36.69 -0.04
C GLY D 66 12.29 -37.36 0.67
N SER D 67 12.26 -37.17 1.99
CA SER D 67 11.19 -37.66 2.83
C SER D 67 11.12 -36.78 4.07
N LYS D 68 10.07 -36.98 4.86
CA LYS D 68 9.91 -36.25 6.10
C LYS D 68 9.25 -37.19 7.10
N SER D 69 9.68 -37.08 8.37
CA SER D 69 9.11 -37.85 9.46
C SER D 69 9.09 -36.96 10.69
N GLY D 70 7.89 -36.69 11.21
CA GLY D 70 7.77 -35.76 12.33
C GLY D 70 8.28 -34.41 11.90
N ASN D 71 9.20 -33.83 12.69
CA ASN D 71 9.79 -32.52 12.42
C ASN D 71 11.09 -32.61 11.62
N THR D 72 11.46 -33.78 11.10
CA THR D 72 12.76 -33.99 10.47
C THR D 72 12.59 -34.38 9.02
N ALA D 73 13.23 -33.64 8.13
CA ALA D 73 13.30 -34.02 6.72
C ALA D 73 14.62 -34.69 6.44
N SER D 74 14.64 -35.51 5.40
CA SER D 74 15.85 -36.24 5.01
C SER D 74 16.00 -36.22 3.49
N LEU D 75 17.22 -35.93 3.04
CA LEU D 75 17.65 -36.16 1.67
C LEU D 75 18.49 -37.43 1.61
N THR D 76 18.18 -38.32 0.67
CA THR D 76 19.02 -39.48 0.40
C THR D 76 19.57 -39.36 -1.02
N ILE D 77 20.85 -39.65 -1.17
CA ILE D 77 21.54 -39.66 -2.45
C ILE D 77 22.06 -41.08 -2.64
N SER D 78 21.44 -41.85 -3.52
CA SER D 78 21.93 -43.18 -3.84
C SER D 78 22.89 -43.13 -5.03
N GLY D 79 23.64 -44.23 -5.21
CA GLY D 79 24.62 -44.30 -6.29
C GLY D 79 25.54 -43.10 -6.32
N LEU D 80 26.04 -42.70 -5.15
CA LEU D 80 26.78 -41.46 -4.99
C LEU D 80 27.91 -41.35 -6.01
N GLN D 81 28.04 -40.18 -6.64
CA GLN D 81 29.13 -39.98 -7.59
C GLN D 81 29.81 -38.63 -7.36
N ALA D 82 30.98 -38.49 -7.99
CA ALA D 82 31.84 -37.34 -7.74
C ALA D 82 31.11 -36.03 -7.99
N GLU D 83 30.24 -35.97 -9.02
CA GLU D 83 29.57 -34.70 -9.30
C GLU D 83 28.62 -34.29 -8.18
N ASP D 84 28.20 -35.24 -7.32
CA ASP D 84 27.36 -34.91 -6.17
C ASP D 84 28.11 -34.14 -5.09
N GLU D 85 29.44 -34.07 -5.14
CA GLU D 85 30.18 -33.35 -4.12
C GLU D 85 29.85 -31.87 -4.19
N ALA D 86 29.30 -31.32 -3.11
CA ALA D 86 28.65 -30.01 -3.11
C ALA D 86 28.12 -29.75 -1.70
N ASP D 87 27.59 -28.54 -1.50
CA ASP D 87 26.84 -28.18 -0.30
C ASP D 87 25.35 -28.41 -0.52
N TYR D 88 24.66 -28.93 0.49
CA TYR D 88 23.22 -29.15 0.41
C TYR D 88 22.51 -28.41 1.54
N TYR D 89 21.40 -27.76 1.21
CA TYR D 89 20.62 -26.98 2.18
C TYR D 89 19.19 -27.47 2.14
N CYS D 90 18.67 -27.87 3.29
CA CYS D 90 17.23 -28.04 3.35
C CYS D 90 16.57 -26.69 3.59
N SER D 91 15.26 -26.64 3.42
CA SER D 91 14.58 -25.39 3.64
C SER D 91 13.11 -25.69 3.92
N SER D 92 12.50 -24.85 4.75
CA SER D 92 11.08 -25.00 5.04
C SER D 92 10.42 -23.69 4.69
N TYR D 93 9.18 -23.80 4.23
CA TYR D 93 8.30 -22.67 3.97
C TYR D 93 7.00 -22.85 4.75
N THR D 94 6.56 -21.79 5.43
CA THR D 94 5.23 -21.74 6.03
C THR D 94 4.68 -20.33 5.86
N SER D 95 3.59 -20.20 5.11
CA SER D 95 3.11 -18.89 4.68
C SER D 95 2.87 -17.95 5.85
N SER D 96 2.44 -18.49 6.99
CA SER D 96 2.03 -17.69 8.13
C SER D 96 3.14 -17.41 9.13
N SER D 97 4.33 -17.99 8.95
CA SER D 97 5.37 -17.87 9.96
C SER D 97 6.26 -16.64 9.71
N THR D 98 6.90 -16.19 10.79
CA THR D 98 7.90 -15.11 10.74
C THR D 98 9.25 -15.64 11.20
N PRO D 99 10.22 -15.88 10.29
CA PRO D 99 10.16 -15.68 8.83
C PRO D 99 9.39 -16.81 8.12
N PRO D 100 8.80 -16.53 6.96
CA PRO D 100 8.11 -17.63 6.22
C PRO D 100 9.07 -18.64 5.64
N TYR D 101 10.27 -18.24 5.22
CA TYR D 101 11.27 -19.16 4.68
C TYR D 101 12.45 -19.26 5.63
N VAL D 102 13.03 -20.45 5.75
CA VAL D 102 14.24 -20.69 6.52
C VAL D 102 15.12 -21.64 5.73
N PHE D 103 16.41 -21.34 5.60
CA PHE D 103 17.36 -22.30 5.05
C PHE D 103 18.03 -23.04 6.21
N GLY D 104 18.30 -24.32 6.01
CA GLY D 104 19.04 -25.08 7.00
C GLY D 104 20.51 -24.70 7.07
N THR D 105 21.17 -25.25 8.09
CA THR D 105 22.54 -24.84 8.39
C THR D 105 23.55 -25.30 7.35
N GLY D 106 23.17 -26.23 6.47
CA GLY D 106 24.04 -26.60 5.36
C GLY D 106 24.84 -27.85 5.64
N THR D 107 25.06 -28.67 4.62
CA THR D 107 25.85 -29.88 4.72
C THR D 107 26.82 -29.98 3.54
N LYS D 108 28.11 -30.15 3.84
CA LYS D 108 29.09 -30.47 2.82
C LYS D 108 29.14 -31.97 2.60
N VAL D 109 28.84 -32.41 1.37
CA VAL D 109 28.96 -33.81 1.00
C VAL D 109 30.33 -34.02 0.36
N SER D 110 31.08 -34.97 0.87
CA SER D 110 32.35 -35.36 0.26
C SER D 110 32.20 -36.74 -0.38
N VAL D 111 32.70 -36.88 -1.59
CA VAL D 111 32.74 -38.16 -2.27
C VAL D 111 34.19 -38.66 -2.19
N LEU D 112 34.40 -39.67 -1.34
CA LEU D 112 35.73 -40.16 -0.99
C LEU D 112 36.46 -40.83 -2.15
N GLY D 113 37.67 -40.33 -2.49
CA GLY D 113 38.46 -40.94 -3.54
C GLY D 113 39.73 -41.59 -3.01
N GLN D 114 39.90 -41.58 -1.69
CA GLN D 114 41.05 -42.19 -1.02
C GLN D 114 40.66 -42.46 0.41
N PRO D 115 41.43 -43.25 1.15
CA PRO D 115 41.05 -43.56 2.54
C PRO D 115 40.93 -42.27 3.36
N LYS D 116 40.08 -42.32 4.38
CA LYS D 116 39.99 -41.22 5.33
C LYS D 116 41.32 -41.09 6.08
N ALA D 117 41.71 -39.85 6.37
CA ALA D 117 42.93 -39.62 7.14
C ALA D 117 42.68 -38.50 8.14
N ALA D 118 43.05 -38.73 9.40
CA ALA D 118 42.78 -37.76 10.45
C ALA D 118 43.76 -36.58 10.38
N PRO D 119 43.33 -35.39 10.81
CA PRO D 119 44.20 -34.22 10.69
C PRO D 119 45.33 -34.22 11.73
N SER D 120 46.49 -33.76 11.30
CA SER D 120 47.54 -33.34 12.22
C SER D 120 47.29 -31.91 12.67
N VAL D 121 47.46 -31.65 13.96
CA VAL D 121 47.16 -30.34 14.53
C VAL D 121 48.38 -29.86 15.30
N THR D 122 48.81 -28.63 15.01
CA THR D 122 49.90 -27.99 15.72
C THR D 122 49.42 -26.61 16.18
N LEU D 123 49.51 -26.37 17.49
CA LEU D 123 49.02 -25.13 18.09
C LEU D 123 50.22 -24.38 18.66
N PHE D 124 50.52 -23.22 18.07
CA PHE D 124 51.61 -22.36 18.53
C PHE D 124 51.10 -21.27 19.45
N PRO D 125 51.87 -20.96 20.49
CA PRO D 125 51.50 -19.85 21.38
C PRO D 125 51.70 -18.52 20.70
N PRO D 126 51.17 -17.43 21.28
CA PRO D 126 51.47 -16.10 20.76
C PRO D 126 52.95 -15.78 20.91
N SER D 127 53.48 -15.05 19.94
CA SER D 127 54.89 -14.69 19.99
C SER D 127 55.17 -13.68 21.10
N SER D 128 56.35 -13.79 21.71
CA SER D 128 56.78 -12.80 22.69
C SER D 128 56.94 -11.43 22.04
N GLU D 129 57.46 -11.40 20.81
CA GLU D 129 57.54 -10.14 20.07
C GLU D 129 56.14 -9.58 19.84
N GLU D 130 55.19 -10.45 19.49
CA GLU D 130 53.79 -10.01 19.36
C GLU D 130 53.22 -9.57 20.70
N LEU D 131 53.54 -10.29 21.77
CA LEU D 131 53.09 -9.89 23.10
C LEU D 131 53.70 -8.54 23.49
N GLN D 132 54.97 -8.32 23.15
CA GLN D 132 55.58 -7.02 23.38
C GLN D 132 54.89 -5.93 22.57
N ALA D 133 54.43 -6.27 21.36
CA ALA D 133 53.62 -5.34 20.58
C ALA D 133 52.20 -5.19 21.09
N ASN D 134 51.82 -5.97 22.11
CA ASN D 134 50.51 -5.92 22.76
C ASN D 134 49.37 -6.42 21.85
N LYS D 135 49.68 -7.28 20.89
CA LYS D 135 48.68 -7.99 20.11
C LYS D 135 48.97 -9.48 20.22
N ALA D 136 47.93 -10.31 20.14
CA ALA D 136 48.12 -11.74 20.32
C ALA D 136 47.32 -12.53 19.30
N THR D 137 47.99 -13.48 18.65
CA THR D 137 47.34 -14.37 17.69
C THR D 137 47.74 -15.80 18.02
N LEU D 138 46.76 -16.66 18.26
CA LEU D 138 46.96 -18.10 18.40
C LEU D 138 46.87 -18.74 17.02
N VAL D 139 47.84 -19.57 16.69
CA VAL D 139 47.96 -20.14 15.35
C VAL D 139 47.73 -21.64 15.44
N CYS D 140 46.62 -22.09 14.85
CA CYS D 140 46.24 -23.50 14.81
C CYS D 140 46.36 -23.96 13.37
N LEU D 141 47.33 -24.83 13.09
CA LEU D 141 47.60 -25.33 11.76
C LEU D 141 47.10 -26.77 11.65
N ILE D 142 46.42 -27.07 10.56
CA ILE D 142 45.72 -28.34 10.38
C ILE D 142 46.14 -28.91 9.03
N SER D 143 46.61 -30.16 9.03
CA SER D 143 47.19 -30.70 7.81
C SER D 143 46.91 -32.19 7.69
N ASP D 144 47.08 -32.69 6.46
CA ASP D 144 47.08 -34.12 6.15
C ASP D 144 45.76 -34.80 6.50
N PHE D 145 44.64 -34.12 6.27
CA PHE D 145 43.35 -34.75 6.49
C PHE D 145 42.65 -35.00 5.16
N TYR D 146 41.77 -36.00 5.14
CA TYR D 146 41.00 -36.39 3.96
C TYR D 146 39.73 -37.04 4.48
N PRO D 147 38.54 -36.66 3.98
CA PRO D 147 38.30 -35.66 2.94
C PRO D 147 38.50 -34.24 3.46
N GLY D 148 38.40 -33.25 2.57
CA GLY D 148 38.72 -31.87 2.90
C GLY D 148 37.58 -31.12 3.53
N ALA D 149 37.16 -31.55 4.73
CA ALA D 149 36.09 -30.90 5.46
C ALA D 149 36.39 -31.06 6.94
N VAL D 150 36.48 -29.93 7.66
CA VAL D 150 36.74 -29.93 9.09
C VAL D 150 35.88 -28.87 9.76
N THR D 151 35.67 -29.06 11.06
CA THR D 151 35.09 -28.04 11.92
C THR D 151 36.11 -27.68 12.99
N VAL D 152 36.19 -26.38 13.32
CA VAL D 152 37.23 -25.87 14.21
C VAL D 152 36.54 -25.15 15.36
N ALA D 153 36.78 -25.61 16.58
CA ALA D 153 36.22 -25.01 17.77
C ALA D 153 37.33 -24.66 18.74
N TRP D 154 37.24 -23.46 19.33
CA TRP D 154 38.23 -22.97 20.29
C TRP D 154 37.63 -22.98 21.68
N LYS D 155 38.42 -23.42 22.66
CA LYS D 155 37.99 -23.48 24.06
C LYS D 155 39.01 -22.76 24.93
N ALA D 156 38.52 -21.89 25.82
CA ALA D 156 39.35 -21.28 26.86
C ALA D 156 38.92 -21.81 28.22
N ASP D 157 39.75 -22.64 28.83
CA ASP D 157 39.39 -23.38 30.04
C ASP D 157 38.06 -24.11 29.86
N SER D 158 37.96 -24.87 28.77
CA SER D 158 36.79 -25.66 28.42
C SER D 158 35.56 -24.81 28.16
N SER D 159 35.71 -23.49 27.99
CA SER D 159 34.60 -22.62 27.66
C SER D 159 34.70 -22.22 26.19
N PRO D 160 33.63 -22.32 25.43
CA PRO D 160 33.72 -22.01 23.99
C PRO D 160 34.02 -20.55 23.73
N VAL D 161 34.78 -20.32 22.66
CA VAL D 161 35.15 -18.98 22.20
C VAL D 161 34.69 -18.84 20.77
N LYS D 162 33.76 -17.91 20.53
CA LYS D 162 33.28 -17.64 19.17
C LYS D 162 33.79 -16.34 18.59
N ALA D 163 34.05 -15.33 19.42
CA ALA D 163 34.56 -14.05 18.94
C ALA D 163 36.04 -14.13 18.59
N GLY D 164 36.43 -13.45 17.51
CA GLY D 164 37.82 -13.35 17.13
C GLY D 164 38.42 -14.56 16.44
N VAL D 165 37.61 -15.39 15.80
CA VAL D 165 38.07 -16.60 15.14
C VAL D 165 38.00 -16.39 13.63
N GLU D 166 39.10 -16.69 12.95
CA GLU D 166 39.17 -16.73 11.49
C GLU D 166 39.63 -18.12 11.08
N THR D 167 38.99 -18.69 10.05
CA THR D 167 39.34 -20.02 9.59
C THR D 167 39.30 -20.08 8.06
N THR D 168 40.30 -20.75 7.48
CA THR D 168 40.40 -20.89 6.04
C THR D 168 39.60 -22.09 5.54
N THR D 169 39.26 -22.05 4.27
CA THR D 169 38.76 -23.23 3.59
C THR D 169 39.90 -24.23 3.38
N PRO D 170 39.59 -25.53 3.39
CA PRO D 170 40.64 -26.54 3.14
C PRO D 170 41.25 -26.38 1.76
N SER D 171 42.57 -26.60 1.66
CA SER D 171 43.30 -26.50 0.40
C SER D 171 44.09 -27.79 0.21
N LYS D 172 44.21 -28.23 -1.04
CA LYS D 172 44.90 -29.48 -1.33
C LYS D 172 46.41 -29.32 -1.21
N GLN D 173 47.04 -30.22 -0.46
CA GLN D 173 48.49 -30.26 -0.32
C GLN D 173 49.10 -31.01 -1.50
N SER D 174 50.44 -31.00 -1.56
CA SER D 174 51.14 -31.73 -2.61
C SER D 174 50.90 -33.23 -2.52
N ASN D 175 50.74 -33.76 -1.30
CA ASN D 175 50.46 -35.18 -1.10
C ASN D 175 48.98 -35.53 -1.34
N ASN D 176 48.15 -34.56 -1.73
CA ASN D 176 46.74 -34.72 -2.10
C ASN D 176 45.81 -34.95 -0.91
N LYS D 177 46.33 -34.84 0.31
CA LYS D 177 45.50 -34.61 1.48
C LYS D 177 45.25 -33.11 1.60
N TYR D 178 44.50 -32.69 2.60
CA TYR D 178 44.09 -31.30 2.72
C TYR D 178 44.68 -30.63 3.96
N ALA D 179 44.78 -29.31 3.88
CA ALA D 179 45.22 -28.49 5.00
C ALA D 179 44.29 -27.30 5.16
N ALA D 180 44.21 -26.79 6.39
CA ALA D 180 43.49 -25.56 6.70
C ALA D 180 44.17 -24.93 7.90
N SER D 181 43.85 -23.66 8.15
CA SER D 181 44.45 -22.94 9.26
C SER D 181 43.38 -22.11 9.96
N SER D 182 43.56 -21.95 11.28
CA SER D 182 42.66 -21.14 12.09
C SER D 182 43.46 -20.22 13.00
N TYR D 183 42.99 -18.99 13.14
CA TYR D 183 43.64 -17.98 13.95
C TYR D 183 42.61 -17.43 14.95
N LEU D 184 43.06 -17.23 16.19
CA LEU D 184 42.27 -16.57 17.22
C LEU D 184 43.01 -15.34 17.70
N SER D 185 42.42 -14.17 17.47
CA SER D 185 43.04 -12.90 17.86
C SER D 185 42.47 -12.48 19.20
N LEU D 186 43.35 -12.22 20.18
CA LEU D 186 42.95 -11.87 21.53
C LEU D 186 43.80 -10.73 22.06
N THR D 187 43.28 -10.06 23.09
CA THR D 187 44.07 -9.10 23.83
C THR D 187 45.10 -9.83 24.71
N PRO D 188 46.22 -9.16 25.04
CA PRO D 188 47.19 -9.78 25.96
C PRO D 188 46.62 -10.15 27.31
N GLU D 189 45.72 -9.31 27.86
CA GLU D 189 45.09 -9.63 29.13
C GLU D 189 44.18 -10.85 29.00
N GLN D 190 43.45 -10.95 27.88
CA GLN D 190 42.58 -12.09 27.66
C GLN D 190 43.36 -13.39 27.67
N TRP D 191 44.58 -13.39 27.11
CA TRP D 191 45.42 -14.59 27.12
C TRP D 191 45.75 -15.00 28.55
N LYS D 192 46.16 -14.03 29.37
CA LYS D 192 46.57 -14.33 30.75
C LYS D 192 45.39 -14.65 31.66
N SER D 193 44.18 -14.21 31.31
CA SER D 193 43.05 -14.38 32.22
C SER D 193 42.55 -15.82 32.31
N HIS D 194 42.87 -16.66 31.33
CA HIS D 194 42.46 -18.06 31.34
C HIS D 194 43.68 -18.96 31.56
N ARG D 195 43.45 -20.11 32.18
CA ARG D 195 44.53 -21.06 32.46
C ARG D 195 45.08 -21.70 31.18
N SER D 196 44.20 -22.07 30.25
CA SER D 196 44.67 -22.74 29.04
C SER D 196 43.77 -22.37 27.87
N TYR D 197 44.25 -22.67 26.66
CA TYR D 197 43.51 -22.51 25.43
C TYR D 197 43.68 -23.79 24.61
N SER D 198 42.61 -24.18 23.92
CA SER D 198 42.59 -25.41 23.15
C SER D 198 42.06 -25.13 21.75
N CYS D 199 42.68 -25.76 20.76
CA CYS D 199 42.16 -25.78 19.40
C CYS D 199 41.64 -27.19 19.15
N GLN D 200 40.34 -27.32 18.91
CA GLN D 200 39.69 -28.60 18.73
C GLN D 200 39.20 -28.73 17.29
N VAL D 201 39.68 -29.75 16.59
CA VAL D 201 39.36 -29.98 15.18
C VAL D 201 38.51 -31.25 15.07
N THR D 202 37.30 -31.13 14.55
CA THR D 202 36.43 -32.27 14.31
C THR D 202 36.50 -32.67 12.84
N HIS D 203 36.78 -33.94 12.59
CA HIS D 203 36.92 -34.47 11.23
C HIS D 203 36.33 -35.87 11.20
N GLU D 204 35.34 -36.08 10.33
CA GLU D 204 34.71 -37.40 10.16
C GLU D 204 34.26 -38.00 11.51
N GLY D 205 33.66 -37.17 12.35
CA GLY D 205 33.12 -37.64 13.62
C GLY D 205 34.11 -37.84 14.74
N SER D 206 35.39 -37.56 14.52
CA SER D 206 36.43 -37.69 15.53
C SER D 206 37.11 -36.36 15.78
N THR D 207 37.49 -36.10 17.02
CA THR D 207 38.04 -34.82 17.44
C THR D 207 39.53 -34.96 17.77
N VAL D 208 40.34 -34.04 17.25
CA VAL D 208 41.75 -33.92 17.60
C VAL D 208 41.95 -32.56 18.27
N GLU D 209 42.72 -32.56 19.37
CA GLU D 209 42.88 -31.36 20.18
C GLU D 209 44.34 -31.15 20.54
N LYS D 210 44.76 -29.88 20.53
CA LYS D 210 46.04 -29.43 21.09
C LYS D 210 45.79 -28.26 22.03
N THR D 211 46.73 -28.04 22.94
CA THR D 211 46.55 -27.10 24.05
C THR D 211 47.82 -26.28 24.26
N VAL D 212 47.64 -24.99 24.53
CA VAL D 212 48.74 -24.07 24.79
C VAL D 212 48.56 -23.48 26.18
N ALA D 213 49.68 -23.16 26.83
CA ALA D 213 49.71 -22.66 28.18
C ALA D 213 50.55 -21.40 28.30
N PRO D 214 50.16 -20.48 29.20
CA PRO D 214 50.95 -19.25 29.39
C PRO D 214 52.39 -19.48 29.80
N THR D 215 52.65 -20.47 30.66
CA THR D 215 54.02 -20.69 31.13
C THR D 215 54.88 -21.31 30.04
N GLU D 216 56.13 -20.84 29.95
CA GLU D 216 57.10 -21.38 29.01
C GLU D 216 58.52 -21.04 29.45
N THR E 25 -9.82 -47.20 -13.84
CA THR E 25 -9.69 -45.77 -14.13
C THR E 25 -9.76 -44.96 -12.83
N ASN E 26 -8.71 -44.18 -12.56
CA ASN E 26 -8.58 -43.43 -11.31
C ASN E 26 -8.92 -41.97 -11.58
N LEU E 27 -10.21 -41.67 -11.57
CA LEU E 27 -10.68 -40.34 -11.95
C LEU E 27 -10.40 -39.33 -10.84
N CYS E 28 -10.08 -38.11 -11.25
CA CYS E 28 -9.91 -37.05 -10.28
C CYS E 28 -11.24 -36.80 -9.57
N PRO E 29 -11.22 -36.59 -8.26
CA PRO E 29 -12.47 -36.50 -7.49
C PRO E 29 -13.09 -35.10 -7.52
N PHE E 30 -13.44 -34.65 -8.72
CA PHE E 30 -14.11 -33.36 -8.85
C PHE E 30 -15.45 -33.32 -8.13
N HIS E 31 -16.09 -34.48 -7.93
CA HIS E 31 -17.36 -34.52 -7.21
C HIS E 31 -17.20 -33.97 -5.80
N GLU E 32 -16.06 -34.24 -5.15
CA GLU E 32 -15.84 -33.71 -3.81
C GLU E 32 -15.98 -32.20 -3.77
N VAL E 33 -15.55 -31.53 -4.84
CA VAL E 33 -15.62 -30.07 -4.87
C VAL E 33 -16.98 -29.60 -5.35
N PHE E 34 -17.43 -30.08 -6.51
CA PHE E 34 -18.64 -29.55 -7.12
C PHE E 34 -19.91 -30.00 -6.41
N ASN E 35 -19.93 -31.21 -5.86
CA ASN E 35 -21.11 -31.72 -5.18
C ASN E 35 -21.00 -31.63 -3.66
N ALA E 36 -20.07 -30.84 -3.15
CA ALA E 36 -20.00 -30.63 -1.70
C ALA E 36 -21.34 -30.14 -1.17
N THR E 37 -21.79 -30.73 -0.06
CA THR E 37 -23.07 -30.32 0.52
C THR E 37 -23.07 -28.83 0.83
N THR E 38 -22.01 -28.35 1.47
CA THR E 38 -21.88 -26.94 1.81
C THR E 38 -20.55 -26.40 1.29
N PHE E 39 -20.58 -25.15 0.84
CA PHE E 39 -19.43 -24.45 0.33
C PHE E 39 -18.88 -23.51 1.38
N ALA E 40 -17.62 -23.11 1.22
CA ALA E 40 -16.96 -22.16 2.10
C ALA E 40 -17.42 -20.72 1.83
N SER E 41 -17.36 -19.89 2.88
CA SER E 41 -17.39 -18.44 2.67
C SER E 41 -16.18 -18.01 1.84
N VAL E 42 -16.36 -16.94 1.07
CA VAL E 42 -15.28 -16.52 0.16
C VAL E 42 -14.05 -16.11 0.96
N TYR E 43 -14.24 -15.47 2.13
CA TYR E 43 -13.06 -15.07 2.90
C TYR E 43 -12.26 -16.27 3.37
N ALA E 44 -12.94 -17.38 3.68
CA ALA E 44 -12.32 -18.63 4.13
C ALA E 44 -12.38 -19.72 3.05
N TRP E 45 -12.15 -19.34 1.80
CA TRP E 45 -12.36 -20.21 0.66
C TRP E 45 -11.55 -21.51 0.78
N ASN E 46 -12.12 -22.60 0.25
CA ASN E 46 -11.50 -23.93 0.33
C ASN E 46 -10.64 -24.20 -0.89
N ARG E 47 -9.62 -25.04 -0.69
CA ARG E 47 -8.71 -25.44 -1.74
C ARG E 47 -8.62 -26.95 -1.74
N LYS E 48 -8.82 -27.57 -2.90
CA LYS E 48 -8.65 -29.00 -3.05
C LYS E 48 -7.50 -29.24 -4.03
N ARG E 49 -6.47 -29.95 -3.58
CA ARG E 49 -5.37 -30.30 -4.47
C ARG E 49 -5.74 -31.55 -5.26
N ILE E 50 -5.53 -31.49 -6.56
CA ILE E 50 -5.87 -32.57 -7.49
C ILE E 50 -4.58 -33.05 -8.13
N SER E 51 -4.14 -34.26 -7.78
CA SER E 51 -2.90 -34.79 -8.35
C SER E 51 -3.06 -36.28 -8.63
N ASN E 52 -2.22 -36.79 -9.53
CA ASN E 52 -2.10 -38.22 -9.79
C ASN E 52 -3.44 -38.85 -10.13
N CYS E 53 -4.11 -38.31 -11.15
CA CYS E 53 -5.45 -38.81 -11.48
C CYS E 53 -5.82 -38.39 -12.89
N VAL E 54 -6.80 -39.10 -13.45
CA VAL E 54 -7.36 -38.75 -14.75
C VAL E 54 -8.48 -37.74 -14.57
N ALA E 55 -8.40 -36.61 -15.27
CA ALA E 55 -9.33 -35.51 -15.10
C ALA E 55 -10.42 -35.60 -16.17
N ASP E 56 -11.57 -36.15 -15.80
CA ASP E 56 -12.73 -36.12 -16.69
C ASP E 56 -13.56 -34.91 -16.32
N TYR E 57 -13.33 -33.80 -17.03
CA TYR E 57 -14.05 -32.58 -16.72
C TYR E 57 -15.53 -32.64 -17.09
N SER E 58 -15.96 -33.65 -17.85
CA SER E 58 -17.36 -33.71 -18.26
C SER E 58 -18.30 -33.87 -17.07
N VAL E 59 -17.80 -34.35 -15.93
CA VAL E 59 -18.67 -34.57 -14.77
C VAL E 59 -19.22 -33.25 -14.22
N ILE E 60 -18.63 -32.11 -14.59
CA ILE E 60 -19.06 -30.84 -14.04
C ILE E 60 -20.55 -30.58 -14.32
N TYR E 61 -21.04 -31.02 -15.48
CA TYR E 61 -22.45 -30.82 -15.82
C TYR E 61 -23.38 -31.53 -14.85
N ASN E 62 -22.97 -32.68 -14.31
CA ASN E 62 -23.85 -33.47 -13.45
C ASN E 62 -24.04 -32.85 -12.08
N PHE E 63 -23.18 -31.90 -11.69
CA PHE E 63 -23.20 -31.31 -10.37
C PHE E 63 -23.59 -29.84 -10.34
N ALA E 64 -23.29 -29.10 -11.40
CA ALA E 64 -23.53 -27.66 -11.44
C ALA E 64 -24.62 -27.31 -12.45
N PRO E 65 -25.88 -27.17 -12.03
CA PRO E 65 -26.95 -26.85 -13.00
C PRO E 65 -26.74 -25.45 -13.58
N PHE E 66 -26.82 -25.37 -14.91
CA PHE E 66 -26.78 -24.09 -15.63
C PHE E 66 -25.49 -23.31 -15.32
N PHE E 67 -24.35 -23.97 -15.38
CA PHE E 67 -23.16 -23.23 -15.00
C PHE E 67 -22.63 -22.40 -16.15
N ALA E 68 -21.82 -21.41 -15.80
CA ALA E 68 -21.12 -20.55 -16.74
C ALA E 68 -19.62 -20.61 -16.42
N PHE E 69 -18.79 -20.39 -17.43
CA PHE E 69 -17.36 -20.53 -17.22
C PHE E 69 -16.59 -19.60 -18.15
N LYS E 70 -15.40 -19.20 -17.70
CA LYS E 70 -14.39 -18.54 -18.52
C LYS E 70 -13.06 -19.21 -18.27
N CYS E 71 -12.27 -19.39 -19.33
CA CYS E 71 -10.96 -19.98 -19.21
C CYS E 71 -9.89 -18.99 -19.67
N TYR E 72 -8.70 -19.12 -19.10
CA TYR E 72 -7.59 -18.22 -19.39
C TYR E 72 -6.34 -19.05 -19.58
N GLY E 73 -5.66 -18.86 -20.71
CA GLY E 73 -4.46 -19.62 -21.00
C GLY E 73 -4.69 -21.05 -21.38
N VAL E 74 -5.94 -21.49 -21.53
CA VAL E 74 -6.28 -22.83 -21.98
C VAL E 74 -7.52 -22.73 -22.83
N SER E 75 -7.59 -23.53 -23.87
CA SER E 75 -8.87 -23.63 -24.56
C SER E 75 -9.71 -24.72 -23.90
N PRO E 76 -10.98 -24.46 -23.59
CA PRO E 76 -11.81 -25.49 -22.97
C PRO E 76 -12.00 -26.72 -23.86
N THR E 77 -12.00 -26.55 -25.17
CA THR E 77 -12.29 -27.67 -26.06
C THR E 77 -11.14 -28.68 -26.12
N LYS E 78 -9.96 -28.32 -25.65
CA LYS E 78 -8.82 -29.23 -25.67
C LYS E 78 -8.44 -29.71 -24.27
N LEU E 79 -9.26 -29.44 -23.25
CA LEU E 79 -8.89 -29.79 -21.88
C LEU E 79 -8.71 -31.29 -21.69
N ASN E 80 -9.47 -32.11 -22.42
CA ASN E 80 -9.31 -33.55 -22.27
C ASN E 80 -8.05 -34.07 -22.93
N ASP E 81 -7.38 -33.25 -23.76
CA ASP E 81 -6.12 -33.63 -24.38
C ASP E 81 -4.89 -33.24 -23.56
N LEU E 82 -5.02 -32.26 -22.66
CA LEU E 82 -3.86 -31.67 -22.01
C LEU E 82 -3.48 -32.41 -20.74
N CYS E 83 -2.22 -32.27 -20.35
CA CYS E 83 -1.68 -32.80 -19.11
C CYS E 83 -1.08 -31.65 -18.31
N PHE E 84 -1.25 -31.70 -17.00
CA PHE E 84 -0.72 -30.67 -16.11
C PHE E 84 0.02 -31.34 -14.96
N THR E 85 0.87 -30.55 -14.30
CA THR E 85 1.64 -31.09 -13.18
C THR E 85 0.73 -31.37 -11.99
N ASN E 86 -0.11 -30.39 -11.65
CA ASN E 86 -1.11 -30.49 -10.61
C ASN E 86 -2.27 -29.62 -11.01
N VAL E 87 -3.42 -29.88 -10.40
CA VAL E 87 -4.60 -29.04 -10.56
C VAL E 87 -5.08 -28.64 -9.17
N TYR E 88 -5.57 -27.41 -9.03
CA TYR E 88 -6.19 -26.93 -7.80
C TYR E 88 -7.62 -26.51 -8.08
N ALA E 89 -8.53 -26.97 -7.22
CA ALA E 89 -9.93 -26.55 -7.27
C ALA E 89 -10.24 -25.76 -6.00
N ASP E 90 -10.39 -24.44 -6.14
CA ASP E 90 -10.76 -23.56 -5.05
C ASP E 90 -12.25 -23.25 -5.18
N SER E 91 -12.95 -23.22 -4.05
CA SER E 91 -14.41 -23.13 -4.13
C SER E 91 -14.95 -22.30 -2.98
N PHE E 92 -16.05 -21.58 -3.26
CA PHE E 92 -16.66 -20.67 -2.31
C PHE E 92 -17.96 -20.10 -2.86
N VAL E 93 -18.63 -19.26 -2.07
CA VAL E 93 -19.86 -18.59 -2.48
C VAL E 93 -19.67 -17.08 -2.44
N ILE E 94 -20.15 -16.41 -3.49
CA ILE E 94 -20.25 -14.95 -3.55
C ILE E 94 -21.60 -14.60 -4.16
N ARG E 95 -21.91 -13.31 -4.24
CA ARG E 95 -23.16 -12.96 -4.87
C ARG E 95 -22.96 -12.76 -6.38
N GLY E 96 -24.05 -12.89 -7.13
CA GLY E 96 -23.96 -12.95 -8.58
C GLY E 96 -23.19 -11.79 -9.21
N ASN E 97 -23.47 -10.56 -8.77
CA ASN E 97 -22.83 -9.41 -9.39
C ASN E 97 -21.36 -9.24 -8.96
N GLU E 98 -20.81 -10.20 -8.21
CA GLU E 98 -19.39 -10.21 -7.90
C GLU E 98 -18.62 -11.25 -8.71
N VAL E 99 -19.30 -12.09 -9.50
CA VAL E 99 -18.59 -13.16 -10.20
C VAL E 99 -17.56 -12.58 -11.17
N SER E 100 -17.85 -11.41 -11.75
CA SER E 100 -16.90 -10.78 -12.66
C SER E 100 -15.58 -10.42 -11.98
N GLN E 101 -15.56 -10.29 -10.64
CA GLN E 101 -14.32 -10.02 -9.94
C GLN E 101 -13.40 -11.23 -9.90
N ILE E 102 -13.92 -12.43 -10.13
CA ILE E 102 -13.10 -13.63 -10.12
C ILE E 102 -12.54 -13.81 -11.52
N ALA E 103 -11.60 -12.95 -11.91
CA ALA E 103 -11.01 -12.98 -13.23
C ALA E 103 -9.67 -12.27 -13.13
N PRO E 104 -8.69 -12.59 -13.96
CA PRO E 104 -7.37 -11.95 -13.84
C PRO E 104 -7.45 -10.48 -14.20
N GLY E 105 -6.67 -9.66 -13.48
CA GLY E 105 -6.66 -8.23 -13.71
C GLY E 105 -7.85 -7.47 -13.16
N GLN E 106 -8.69 -8.08 -12.34
CA GLN E 106 -9.84 -7.42 -11.75
C GLN E 106 -9.48 -6.84 -10.38
N THR E 107 -10.12 -5.73 -10.03
CA THR E 107 -10.07 -5.20 -8.67
C THR E 107 -11.50 -4.91 -8.20
N GLY E 108 -11.67 -4.81 -6.88
CA GLY E 108 -12.99 -4.73 -6.27
C GLY E 108 -12.94 -5.27 -4.85
N ASN E 109 -14.10 -5.26 -4.18
CA ASN E 109 -14.06 -5.66 -2.77
C ASN E 109 -13.76 -7.14 -2.59
N ILE E 110 -14.21 -7.97 -3.52
CA ILE E 110 -13.89 -9.40 -3.41
C ILE E 110 -12.46 -9.65 -3.85
N ALA E 111 -12.08 -9.14 -5.03
CA ALA E 111 -10.72 -9.35 -5.52
C ALA E 111 -9.69 -8.78 -4.56
N ASP E 112 -9.95 -7.58 -3.99
CA ASP E 112 -8.95 -6.92 -3.16
C ASP E 112 -8.82 -7.55 -1.77
N TYR E 113 -9.93 -8.00 -1.15
CA TYR E 113 -9.87 -8.44 0.25
C TYR E 113 -10.23 -9.90 0.48
N ASN E 114 -10.82 -10.61 -0.50
CA ASN E 114 -11.34 -11.95 -0.23
C ASN E 114 -10.71 -13.05 -1.07
N TYR E 115 -10.63 -12.90 -2.40
CA TYR E 115 -10.02 -13.93 -3.23
C TYR E 115 -9.44 -13.25 -4.46
N LYS E 116 -8.17 -13.51 -4.75
CA LYS E 116 -7.45 -12.75 -5.77
C LYS E 116 -6.84 -13.70 -6.79
N LEU E 117 -7.23 -13.55 -8.06
CA LEU E 117 -6.57 -14.27 -9.15
C LEU E 117 -5.40 -13.44 -9.69
N PRO E 118 -4.27 -14.05 -10.02
CA PRO E 118 -3.16 -13.30 -10.61
C PRO E 118 -3.45 -12.91 -12.05
N ASP E 119 -2.80 -11.82 -12.52
CA ASP E 119 -2.91 -11.41 -13.92
C ASP E 119 -2.60 -12.55 -14.89
N ASP E 120 -1.65 -13.42 -14.55
CA ASP E 120 -1.22 -14.47 -15.47
C ASP E 120 -1.89 -15.80 -15.16
N PHE E 121 -3.06 -15.77 -14.54
CA PHE E 121 -3.81 -16.99 -14.21
C PHE E 121 -3.96 -17.91 -15.43
N THR E 122 -3.61 -19.18 -15.23
CA THR E 122 -3.89 -20.25 -16.20
C THR E 122 -4.91 -21.18 -15.56
N GLY E 123 -6.14 -21.11 -16.05
CA GLY E 123 -7.20 -21.97 -15.54
C GLY E 123 -8.55 -21.49 -15.97
N CYS E 124 -9.59 -22.04 -15.33
CA CYS E 124 -10.98 -21.74 -15.66
C CYS E 124 -11.73 -21.39 -14.38
N VAL E 125 -12.67 -20.45 -14.52
CA VAL E 125 -13.56 -20.07 -13.43
C VAL E 125 -14.96 -20.53 -13.80
N ILE E 126 -15.55 -21.35 -12.95
CA ILE E 126 -16.87 -21.92 -13.16
C ILE E 126 -17.79 -21.37 -12.07
N ALA E 127 -18.95 -20.84 -12.47
CA ALA E 127 -19.89 -20.32 -11.50
C ALA E 127 -21.32 -20.71 -11.88
N TRP E 128 -22.14 -20.96 -10.87
CA TRP E 128 -23.54 -21.29 -11.11
C TRP E 128 -24.39 -20.81 -9.94
N ASN E 129 -25.63 -20.46 -10.26
CA ASN E 129 -26.59 -19.93 -9.29
C ASN E 129 -26.96 -21.00 -8.26
N SER E 130 -26.81 -20.69 -6.98
CA SER E 130 -27.12 -21.64 -5.93
C SER E 130 -28.22 -21.13 -5.01
N ASN E 131 -29.09 -20.27 -5.54
CA ASN E 131 -30.18 -19.68 -4.77
C ASN E 131 -30.98 -20.75 -4.04
N LYS E 132 -31.32 -21.86 -4.73
CA LYS E 132 -32.13 -22.91 -4.12
C LYS E 132 -31.46 -23.52 -2.89
N LEU E 133 -30.14 -23.61 -2.89
CA LEU E 133 -29.40 -24.22 -1.78
C LEU E 133 -28.96 -23.22 -0.72
N ASP E 134 -28.56 -22.02 -1.14
CA ASP E 134 -27.84 -21.11 -0.27
C ASP E 134 -28.65 -19.89 0.19
N SER E 135 -29.86 -19.68 -0.33
CA SER E 135 -30.72 -18.63 0.22
C SER E 135 -31.65 -19.21 1.27
N LYS E 136 -32.09 -18.36 2.19
CA LYS E 136 -33.05 -18.74 3.21
C LYS E 136 -34.07 -17.62 3.34
N PRO E 137 -35.30 -17.94 3.74
CA PRO E 137 -36.34 -16.89 3.79
C PRO E 137 -35.95 -15.68 4.61
N SER E 138 -35.26 -15.87 5.75
CA SER E 138 -34.84 -14.77 6.61
C SER E 138 -33.45 -14.27 6.29
N GLY E 139 -32.80 -14.85 5.28
CA GLY E 139 -31.43 -14.50 4.97
C GLY E 139 -30.50 -15.58 5.47
N ASN E 140 -29.61 -16.05 4.61
CA ASN E 140 -28.57 -16.97 5.04
C ASN E 140 -27.41 -16.13 5.55
N TYR E 141 -27.18 -16.11 6.86
CA TYR E 141 -26.10 -15.30 7.41
C TYR E 141 -24.83 -16.11 7.64
N ASN E 142 -24.78 -17.35 7.16
CA ASN E 142 -23.60 -18.19 7.31
C ASN E 142 -22.49 -17.88 6.31
N TYR E 143 -22.80 -17.27 5.16
CA TYR E 143 -21.80 -16.88 4.18
C TYR E 143 -21.34 -15.46 4.45
N LEU E 144 -20.02 -15.28 4.59
CA LEU E 144 -19.42 -14.00 4.98
C LEU E 144 -18.39 -13.55 3.95
N TYR E 145 -18.05 -12.26 4.00
CA TYR E 145 -16.98 -11.69 3.18
C TYR E 145 -16.27 -10.63 3.99
N ARG E 146 -15.02 -10.36 3.63
CA ARG E 146 -14.19 -9.39 4.34
C ARG E 146 -14.42 -7.99 3.78
N LEU E 147 -14.52 -7.01 4.68
CA LEU E 147 -14.84 -5.63 4.32
C LEU E 147 -13.63 -4.75 4.05
N LEU E 148 -12.50 -5.03 4.71
CA LEU E 148 -11.36 -4.12 4.73
C LEU E 148 -10.12 -4.94 5.04
N ARG E 149 -8.96 -4.38 4.71
CA ARG E 149 -7.71 -5.10 4.97
C ARG E 149 -6.52 -4.13 4.97
N LYS E 150 -5.45 -4.51 5.70
CA LYS E 150 -4.26 -3.65 5.76
C LYS E 150 -3.59 -3.48 4.40
N SER E 151 -3.71 -4.47 3.53
CA SER E 151 -3.17 -4.40 2.18
C SER E 151 -4.00 -5.34 1.31
N LYS E 152 -3.87 -5.22 0.00
CA LYS E 152 -4.67 -6.10 -0.86
C LYS E 152 -4.13 -7.54 -0.80
N LEU E 153 -5.03 -8.51 -0.97
CA LEU E 153 -4.64 -9.91 -1.00
C LEU E 153 -3.72 -10.21 -2.18
N LYS E 154 -2.71 -11.03 -1.93
CA LYS E 154 -1.86 -11.52 -3.00
C LYS E 154 -2.57 -12.66 -3.72
N PRO E 155 -2.12 -13.02 -4.93
CA PRO E 155 -2.77 -14.14 -5.63
C PRO E 155 -2.85 -15.37 -4.75
N PHE E 156 -4.07 -15.89 -4.60
CA PHE E 156 -4.36 -17.11 -3.85
C PHE E 156 -4.02 -17.00 -2.36
N GLU E 157 -3.80 -15.78 -1.87
CA GLU E 157 -3.67 -15.59 -0.44
C GLU E 157 -5.04 -15.79 0.23
N ARG E 158 -5.01 -16.23 1.48
CA ARG E 158 -6.22 -16.55 2.22
C ARG E 158 -6.08 -15.90 3.59
N ASP E 159 -7.03 -15.04 3.95
CA ASP E 159 -7.04 -14.35 5.22
C ASP E 159 -8.31 -14.75 5.96
N ILE E 160 -8.18 -15.54 7.03
CA ILE E 160 -9.34 -15.96 7.82
C ILE E 160 -9.33 -15.31 9.21
N SER E 161 -8.56 -14.26 9.40
CA SER E 161 -8.60 -13.55 10.67
CA SER E 161 -8.60 -13.55 10.67
C SER E 161 -9.99 -12.94 10.89
N THR E 162 -10.43 -12.96 12.15
CA THR E 162 -11.68 -12.34 12.58
C THR E 162 -11.42 -11.22 13.59
N GLU E 163 -10.17 -10.79 13.74
CA GLU E 163 -9.84 -9.82 14.77
C GLU E 163 -10.53 -8.49 14.52
N ILE E 164 -11.14 -7.94 15.55
CA ILE E 164 -11.77 -6.63 15.45
C ILE E 164 -10.68 -5.57 15.44
N TYR E 165 -10.74 -4.66 14.46
CA TYR E 165 -9.67 -3.68 14.30
C TYR E 165 -9.87 -2.56 15.30
N GLN E 166 -8.83 -2.29 16.10
CA GLN E 166 -8.87 -1.26 17.13
C GLN E 166 -8.29 0.03 16.55
N ALA E 167 -9.14 1.03 16.37
CA ALA E 167 -8.71 2.29 15.79
C ALA E 167 -8.38 3.34 16.84
N GLY E 168 -9.04 3.29 17.99
CA GLY E 168 -8.88 4.29 19.02
C GLY E 168 -8.01 3.84 20.17
N ASN E 169 -8.16 4.53 21.30
CA ASN E 169 -7.41 4.23 22.51
C ASN E 169 -7.97 3.01 23.24
N LYS E 170 -9.28 2.86 23.24
CA LYS E 170 -9.92 1.85 24.07
C LYS E 170 -9.77 0.47 23.42
N PRO E 171 -9.30 -0.54 24.16
CA PRO E 171 -9.27 -1.90 23.61
C PRO E 171 -10.67 -2.38 23.31
N CYS E 172 -10.77 -3.23 22.28
CA CYS E 172 -12.08 -3.69 21.81
C CYS E 172 -12.59 -4.88 22.59
N ASN E 173 -11.69 -5.75 23.06
CA ASN E 173 -12.06 -6.92 23.85
C ASN E 173 -13.05 -7.80 23.08
N GLY E 174 -12.79 -7.98 21.79
CA GLY E 174 -13.61 -8.84 20.96
C GLY E 174 -15.02 -8.33 20.73
N VAL E 175 -15.26 -7.07 21.10
CA VAL E 175 -16.56 -6.45 21.00
C VAL E 175 -16.47 -5.34 19.95
N ALA E 176 -17.32 -5.42 18.93
CA ALA E 176 -17.41 -4.31 17.99
C ALA E 176 -18.11 -3.13 18.65
N GLY E 177 -17.77 -1.93 18.21
CA GLY E 177 -18.31 -0.73 18.81
C GLY E 177 -17.59 0.52 18.34
N PRO E 178 -17.59 1.56 19.19
CA PRO E 178 -16.86 2.78 18.86
C PRO E 178 -15.39 2.50 18.62
N ASN E 179 -14.90 2.92 17.45
CA ASN E 179 -13.51 2.77 17.06
C ASN E 179 -13.06 1.31 17.03
N CYS E 180 -14.00 0.38 16.90
CA CYS E 180 -13.71 -1.05 16.99
C CYS E 180 -14.47 -1.77 15.88
N TYR E 181 -13.77 -2.13 14.80
CA TYR E 181 -14.40 -2.48 13.53
C TYR E 181 -14.32 -3.98 13.27
N SER E 182 -15.48 -4.58 13.07
CA SER E 182 -15.50 -5.98 12.66
C SER E 182 -15.07 -6.07 11.20
N PRO E 183 -14.17 -6.99 10.85
CA PRO E 183 -13.69 -7.05 9.46
C PRO E 183 -14.60 -7.80 8.51
N LEU E 184 -15.59 -8.53 9.00
CA LEU E 184 -16.41 -9.43 8.17
C LEU E 184 -17.88 -9.04 8.21
N GLN E 185 -18.60 -9.34 7.12
CA GLN E 185 -20.04 -9.13 7.07
C GLN E 185 -20.70 -10.32 6.36
N SER E 186 -21.93 -10.63 6.76
CA SER E 186 -22.70 -11.68 6.11
C SER E 186 -23.33 -11.18 4.81
N TYR E 187 -23.49 -12.10 3.86
CA TYR E 187 -24.24 -11.80 2.64
C TYR E 187 -25.75 -11.72 2.89
N GLY E 188 -26.28 -12.53 3.79
CA GLY E 188 -27.72 -12.54 4.05
C GLY E 188 -28.57 -12.91 2.84
N PHE E 189 -28.17 -13.95 2.10
CA PHE E 189 -28.88 -14.28 0.87
C PHE E 189 -30.33 -14.66 1.15
N ARG E 190 -31.27 -14.03 0.42
CA ARG E 190 -32.70 -14.29 0.49
CA ARG E 190 -32.69 -14.31 0.49
C ARG E 190 -33.24 -14.64 -0.90
N PRO E 191 -34.24 -15.52 -0.98
CA PRO E 191 -34.76 -15.92 -2.30
C PRO E 191 -35.52 -14.84 -3.04
N THR E 192 -35.79 -13.68 -2.42
CA THR E 192 -36.52 -12.59 -3.07
C THR E 192 -35.62 -11.66 -3.87
N TYR E 193 -34.30 -11.78 -3.76
CA TYR E 193 -33.38 -10.89 -4.44
C TYR E 193 -33.33 -11.20 -5.94
N GLY E 194 -33.02 -10.18 -6.75
CA GLY E 194 -32.61 -10.43 -8.12
C GLY E 194 -31.34 -11.27 -8.20
N VAL E 195 -31.01 -11.74 -9.42
CA VAL E 195 -29.91 -12.70 -9.59
C VAL E 195 -28.57 -12.09 -9.14
N GLY E 196 -28.37 -10.79 -9.41
CA GLY E 196 -27.11 -10.17 -9.02
C GLY E 196 -26.83 -10.28 -7.54
N HIS E 197 -27.86 -10.39 -6.71
CA HIS E 197 -27.72 -10.53 -5.28
C HIS E 197 -28.04 -11.93 -4.77
N GLN E 198 -28.31 -12.87 -5.66
CA GLN E 198 -28.42 -14.26 -5.26
C GLN E 198 -27.04 -14.91 -5.08
N PRO E 199 -26.97 -16.00 -4.31
CA PRO E 199 -25.68 -16.70 -4.13
C PRO E 199 -25.28 -17.45 -5.39
N TYR E 200 -23.98 -17.41 -5.68
CA TYR E 200 -23.40 -18.26 -6.72
C TYR E 200 -22.27 -19.08 -6.11
N ARG E 201 -22.29 -20.39 -6.37
CA ARG E 201 -21.15 -21.24 -6.07
C ARG E 201 -20.11 -21.07 -7.16
N VAL E 202 -18.85 -20.94 -6.76
CA VAL E 202 -17.76 -20.71 -7.69
C VAL E 202 -16.69 -21.77 -7.45
N VAL E 203 -16.21 -22.39 -8.53
CA VAL E 203 -15.03 -23.24 -8.49
C VAL E 203 -14.01 -22.65 -9.45
N VAL E 204 -12.83 -22.34 -8.94
CA VAL E 204 -11.69 -21.92 -9.74
C VAL E 204 -10.78 -23.12 -9.94
N LEU E 205 -10.60 -23.54 -11.19
CA LEU E 205 -9.67 -24.61 -11.53
C LEU E 205 -8.35 -24.00 -11.98
N SER E 206 -7.29 -24.25 -11.22
CA SER E 206 -5.94 -23.81 -11.57
C SER E 206 -5.21 -24.96 -12.25
N PHE E 207 -4.59 -24.68 -13.40
CA PHE E 207 -3.83 -25.69 -14.13
C PHE E 207 -2.36 -25.33 -14.01
N GLU E 208 -1.65 -26.01 -13.10
CA GLU E 208 -0.24 -25.76 -12.86
C GLU E 208 0.62 -26.58 -13.82
N LEU E 209 1.53 -25.91 -14.54
CA LEU E 209 2.45 -26.57 -15.48
C LEU E 209 3.88 -26.19 -15.10
N LEU E 210 4.55 -27.09 -14.36
CA LEU E 210 5.95 -26.98 -14.04
C LEU E 210 6.78 -27.79 -15.03
N HIS E 211 8.08 -27.47 -15.10
CA HIS E 211 9.04 -28.32 -15.82
C HIS E 211 9.33 -29.52 -14.92
N ALA E 212 8.44 -30.51 -15.01
CA ALA E 212 8.39 -31.66 -14.12
C ALA E 212 7.35 -32.62 -14.68
N PRO E 213 7.40 -33.91 -14.31
CA PRO E 213 6.45 -34.86 -14.90
C PRO E 213 5.01 -34.51 -14.57
N ALA E 214 4.13 -34.65 -15.57
CA ALA E 214 2.72 -34.36 -15.37
C ALA E 214 2.08 -35.44 -14.51
N THR E 215 1.14 -35.04 -13.65
CA THR E 215 0.38 -36.04 -12.91
C THR E 215 -1.13 -35.98 -13.12
N VAL E 216 -1.65 -35.00 -13.85
CA VAL E 216 -3.08 -34.90 -14.15
C VAL E 216 -3.25 -34.76 -15.65
N CYS E 217 -3.85 -35.76 -16.28
CA CYS E 217 -4.11 -35.76 -17.71
C CYS E 217 -5.60 -35.96 -17.96
N GLY E 218 -6.06 -35.50 -19.12
CA GLY E 218 -7.40 -35.77 -19.55
C GLY E 218 -7.53 -37.23 -19.94
N PRO E 219 -8.77 -37.71 -20.08
CA PRO E 219 -8.95 -39.12 -20.43
C PRO E 219 -8.49 -39.45 -21.84
N LYS E 220 -8.60 -38.51 -22.77
CA LYS E 220 -8.15 -38.75 -24.14
C LYS E 220 -6.66 -39.07 -24.19
N LYS E 221 -5.86 -38.35 -23.40
CA LYS E 221 -4.41 -38.60 -23.35
C LYS E 221 -4.09 -39.64 -22.29
#